data_7FSY
#
_entry.id   7FSY
#
_cell.length_a   80.010
_cell.length_b   49.650
_cell.length_c   116.140
_cell.angle_alpha   90.000
_cell.angle_beta   95.080
_cell.angle_gamma   90.000
#
_symmetry.space_group_name_H-M   'P 1 21 1'
#
loop_
_entity.id
_entity.type
_entity.pdbx_description
1 polymer Syntenin-1
2 non-polymer 2-(1H-indazol-1-yl)-N,N-dimethylacetamide
3 non-polymer 1,2-ETHANEDIOL
4 non-polymer 'D-GLUTAMIC ACID'
5 non-polymer GLYCINE
6 non-polymer 'SULFATE ION'
7 non-polymer ALANINE
8 water water
#
_entity_poly.entity_id   1
_entity_poly.type   'polypeptide(L)'
_entity_poly.pdbx_seq_one_letter_code
;SMAEIKQGIREVILCKDQDGKIGLRLKSIDNGIFVQLVQANSPASLVGLRFGDQVLQINGENCAGWSSDKAHKVLKQAFG
EKITMTIRDRPFERTITMHKDSTGHVGFIFKNGKITSIVKDSSAARNGLLTEHNICEINGQNVIGLKDSQIADILSTSGT
VVTITIMPAFIFEHIIKRMAPSIMKSLMDHTIPEV
;
_entity_poly.pdbx_strand_id   A,B,C,D
#
loop_
_chem_comp.id
_chem_comp.type
_chem_comp.name
_chem_comp.formula
EDO non-polymer 1,2-ETHANEDIOL 'C2 H6 O2'
SO4 non-polymer 'SULFATE ION' 'O4 S -2'
YG5 non-polymer 2-(1H-indazol-1-yl)-N,N-dimethylacetamide 'C11 H13 N3 O'
#
# COMPACT_ATOMS: atom_id res chain seq x y z
N ILE A 5 25.45 -2.86 -12.18
CA ILE A 5 24.34 -3.47 -11.40
C ILE A 5 24.65 -4.94 -11.15
N LYS A 6 25.27 -5.23 -9.98
CA LYS A 6 25.52 -6.60 -9.55
C LYS A 6 24.19 -7.29 -9.29
N GLN A 7 24.11 -8.58 -9.66
CA GLN A 7 22.88 -9.37 -9.51
C GLN A 7 22.98 -10.21 -8.23
N GLY A 8 23.36 -9.51 -7.17
CA GLY A 8 23.76 -10.14 -5.93
C GLY A 8 23.15 -9.46 -4.72
N ILE A 9 22.98 -10.29 -3.71
CA ILE A 9 22.48 -9.86 -2.43
C ILE A 9 23.71 -9.79 -1.54
N ARG A 10 23.93 -8.68 -0.84
CA ARG A 10 25.15 -8.43 -0.08
C ARG A 10 24.78 -8.07 1.35
N GLU A 11 25.73 -8.34 2.27
CA GLU A 11 25.60 -7.98 3.67
C GLU A 11 26.30 -6.65 3.86
N VAL A 12 25.73 -5.78 4.69
CA VAL A 12 26.45 -4.63 5.21
C VAL A 12 26.12 -4.47 6.69
N ILE A 13 27.13 -4.09 7.47
CA ILE A 13 26.96 -3.85 8.89
C ILE A 13 27.18 -2.37 9.16
N LEU A 14 26.23 -1.75 9.87
CA LEU A 14 26.21 -0.31 10.05
C LEU A 14 26.54 0.06 11.50
N CYS A 15 26.87 1.35 11.69
CA CYS A 15 27.28 1.89 12.97
C CYS A 15 26.93 3.37 13.00
N LYS A 16 25.86 3.70 13.77
CA LYS A 16 25.32 5.04 13.92
C LYS A 16 26.39 6.07 14.28
N ASP A 17 26.30 7.28 13.71
CA ASP A 17 27.23 8.37 14.04
C ASP A 17 26.92 8.88 15.46
N GLN A 18 27.67 9.92 15.86
CA GLN A 18 27.55 10.53 17.17
C GLN A 18 26.17 11.14 17.40
N ASP A 19 25.52 11.61 16.34
CA ASP A 19 24.16 12.13 16.43
C ASP A 19 23.13 11.00 16.46
N GLY A 20 23.58 9.76 16.20
CA GLY A 20 22.68 8.61 16.17
C GLY A 20 21.94 8.48 14.85
N LYS A 21 22.58 9.00 13.78
CA LYS A 21 22.09 8.94 12.42
C LYS A 21 22.89 7.92 11.61
N ILE A 22 22.25 7.33 10.59
CA ILE A 22 22.93 6.50 9.61
C ILE A 22 23.06 7.24 8.28
N GLY A 23 22.06 8.06 7.94
CA GLY A 23 22.14 8.93 6.78
C GLY A 23 21.25 8.45 5.63
N LEU A 24 20.11 7.84 5.97
CA LEU A 24 19.36 7.04 5.02
C LEU A 24 17.88 7.43 5.06
N ARG A 25 17.20 7.36 3.90
CA ARG A 25 15.74 7.38 3.84
C ARG A 25 15.27 6.24 2.94
N LEU A 26 14.25 5.49 3.39
CA LEU A 26 13.74 4.33 2.69
C LEU A 26 12.33 4.61 2.17
N LYS A 27 12.02 4.16 0.95
CA LYS A 27 10.68 4.27 0.39
C LYS A 27 10.11 2.89 0.09
N SER A 28 8.88 2.64 0.56
CA SER A 28 8.12 1.47 0.18
C SER A 28 7.83 1.55 -1.32
N ILE A 29 8.21 0.49 -2.05
CA ILE A 29 7.92 0.31 -3.47
C ILE A 29 7.54 -1.15 -3.72
N ASP A 30 6.39 -1.39 -4.38
CA ASP A 30 5.92 -2.71 -4.78
C ASP A 30 6.10 -3.72 -3.64
N ASN A 31 5.92 -3.27 -2.38
CA ASN A 31 6.03 -4.14 -1.20
C ASN A 31 7.49 -4.51 -0.94
N GLY A 32 8.42 -3.77 -1.52
CA GLY A 32 9.81 -3.84 -1.08
C GLY A 32 10.16 -2.65 -0.19
N ILE A 33 11.39 -2.60 0.32
CA ILE A 33 11.86 -1.29 0.74
C ILE A 33 13.10 -0.90 -0.07
N PHE A 34 13.12 0.36 -0.50
CA PHE A 34 14.14 0.84 -1.41
C PHE A 34 14.76 2.16 -0.89
N VAL A 35 16.06 2.30 -1.13
CA VAL A 35 16.82 3.48 -0.73
C VAL A 35 16.34 4.68 -1.54
N GLN A 36 15.71 5.63 -0.83
CA GLN A 36 15.27 6.91 -1.37
C GLN A 36 16.43 7.89 -1.37
N LEU A 37 17.31 7.81 -0.36
CA LEU A 37 18.23 8.90 -0.11
C LEU A 37 19.38 8.46 0.77
N VAL A 38 20.59 8.89 0.40
CA VAL A 38 21.82 8.54 1.09
C VAL A 38 22.54 9.84 1.40
N GLN A 39 22.76 10.14 2.70
CA GLN A 39 23.39 11.38 3.14
C GLN A 39 24.90 11.30 2.88
N ALA A 40 25.50 12.44 2.53
CA ALA A 40 26.94 12.47 2.31
C ALA A 40 27.63 12.37 3.67
N ASN A 41 28.82 11.75 3.69
CA ASN A 41 29.61 11.59 4.90
C ASN A 41 28.73 10.99 6.01
N SER A 42 28.18 9.82 5.71
CA SER A 42 27.21 9.16 6.58
C SER A 42 27.62 7.72 6.73
N PRO A 43 27.26 7.01 7.83
CA PRO A 43 27.58 5.59 7.92
C PRO A 43 27.13 4.87 6.65
N ALA A 44 26.01 5.32 6.07
CA ALA A 44 25.37 4.60 4.98
C ALA A 44 26.18 4.76 3.72
N SER A 45 26.75 5.95 3.47
CA SER A 45 27.66 6.11 2.34
C SER A 45 28.91 5.24 2.50
N LEU A 46 29.50 5.14 3.69
CA LEU A 46 30.79 4.47 3.86
C LEU A 46 30.69 2.98 3.54
N VAL A 47 29.59 2.35 3.95
CA VAL A 47 29.35 0.95 3.65
C VAL A 47 28.88 0.79 2.21
N GLY A 48 28.53 1.91 1.59
CA GLY A 48 28.36 1.97 0.15
C GLY A 48 26.90 1.86 -0.31
N LEU A 49 25.93 2.04 0.59
CA LEU A 49 24.55 2.06 0.16
C LEU A 49 24.43 3.13 -0.90
N ARG A 50 23.55 2.86 -1.86
CA ARG A 50 23.35 3.68 -3.04
C ARG A 50 21.84 3.85 -3.21
N PHE A 51 21.50 4.92 -3.94
CA PHE A 51 20.14 5.17 -4.36
C PHE A 51 19.65 4.02 -5.24
N GLY A 52 18.43 3.57 -4.91
CA GLY A 52 17.73 2.57 -5.67
C GLY A 52 18.07 1.17 -5.19
N ASP A 53 18.88 1.08 -4.13
CA ASP A 53 19.17 -0.19 -3.48
C ASP A 53 17.89 -0.70 -2.80
N GLN A 54 17.73 -2.03 -2.79
CA GLN A 54 16.66 -2.67 -2.06
C GLN A 54 17.20 -3.21 -0.74
N VAL A 55 16.45 -2.97 0.35
CA VAL A 55 16.79 -3.43 1.68
C VAL A 55 15.95 -4.67 1.96
N LEU A 56 16.59 -5.83 1.83
CA LEU A 56 15.89 -7.10 2.01
C LEU A 56 15.60 -7.35 3.48
N GLN A 57 16.62 -7.17 4.33
CA GLN A 57 16.46 -7.24 5.76
C GLN A 57 17.09 -6.04 6.44
N ILE A 58 16.58 -5.76 7.66
CA ILE A 58 17.20 -4.91 8.66
C ILE A 58 17.28 -5.70 9.96
N ASN A 59 18.49 -6.10 10.34
CA ASN A 59 18.72 -6.85 11.57
C ASN A 59 17.98 -8.19 11.51
N GLY A 60 18.05 -8.87 10.36
CA GLY A 60 17.61 -10.24 10.21
C GLY A 60 16.10 -10.36 10.28
N GLU A 61 15.40 -9.28 9.87
CA GLU A 61 13.94 -9.26 9.75
C GLU A 61 13.59 -8.82 8.33
N ASN A 62 12.65 -9.50 7.69
CA ASN A 62 12.32 -9.19 6.32
C ASN A 62 11.57 -7.85 6.23
N CYS A 63 11.74 -7.14 5.11
CA CYS A 63 11.12 -5.84 4.96
C CYS A 63 9.83 -5.95 4.14
N ALA A 64 9.57 -7.11 3.54
CA ALA A 64 8.41 -7.19 2.68
C ALA A 64 7.19 -6.60 3.38
N GLY A 65 6.58 -5.63 2.69
CA GLY A 65 5.28 -5.11 3.04
C GLY A 65 5.32 -3.93 4.01
N TRP A 66 6.51 -3.49 4.44
CA TRP A 66 6.66 -2.41 5.42
C TRP A 66 6.37 -1.06 4.79
N SER A 67 5.74 -0.17 5.56
CA SER A 67 5.54 1.21 5.15
C SER A 67 6.86 1.96 5.34
N SER A 68 7.00 3.05 4.60
CA SER A 68 8.17 3.92 4.75
C SER A 68 8.24 4.37 6.20
N ASP A 69 7.07 4.58 6.82
CA ASP A 69 7.02 5.04 8.20
C ASP A 69 7.60 3.97 9.11
N LYS A 70 7.37 2.69 8.79
CA LYS A 70 7.72 1.60 9.69
C LYS A 70 9.21 1.30 9.57
N ALA A 71 9.75 1.56 8.39
CA ALA A 71 11.14 1.27 8.13
C ALA A 71 12.01 2.28 8.88
N HIS A 72 11.62 3.57 8.79
CA HIS A 72 12.27 4.66 9.51
C HIS A 72 12.13 4.48 11.02
N LYS A 73 10.95 3.99 11.46
CA LYS A 73 10.66 3.66 12.84
C LYS A 73 11.59 2.55 13.30
N VAL A 74 11.57 1.42 12.57
CA VAL A 74 12.48 0.32 12.86
C VAL A 74 13.87 0.87 13.12
N LEU A 75 14.31 1.75 12.21
CA LEU A 75 15.69 2.22 12.19
C LEU A 75 16.03 3.02 13.45
N LYS A 76 15.10 3.88 13.91
CA LYS A 76 15.35 4.62 15.12
C LYS A 76 15.46 3.65 16.29
N GLN A 77 14.49 2.75 16.44
CA GLN A 77 14.43 1.89 17.62
C GLN A 77 15.51 0.80 17.62
N ALA A 78 16.46 0.86 16.67
CA ALA A 78 17.58 -0.05 16.65
C ALA A 78 18.64 0.40 17.65
N PHE A 79 19.44 -0.57 18.11
CA PHE A 79 20.33 -0.40 19.25
C PHE A 79 21.54 0.50 18.95
N GLY A 80 22.02 0.52 17.70
CA GLY A 80 22.98 1.54 17.27
C GLY A 80 24.42 1.03 17.16
N GLU A 81 24.76 -0.04 17.90
CA GLU A 81 26.10 -0.63 17.89
C GLU A 81 26.33 -1.32 16.54
N LYS A 82 25.46 -2.28 16.21
CA LYS A 82 25.48 -2.93 14.92
C LYS A 82 24.08 -2.94 14.32
N ILE A 83 23.96 -2.42 13.11
CA ILE A 83 22.77 -2.63 12.32
C ILE A 83 23.14 -3.39 11.06
N THR A 84 22.86 -4.70 11.04
CA THR A 84 23.19 -5.52 9.89
C THR A 84 22.04 -5.43 8.90
N MET A 85 22.36 -5.06 7.65
CA MET A 85 21.33 -4.96 6.62
C MET A 85 21.68 -5.91 5.50
N THR A 86 20.63 -6.43 4.84
CA THR A 86 20.81 -7.24 3.66
C THR A 86 20.32 -6.44 2.45
N ILE A 87 21.20 -6.30 1.45
CA ILE A 87 20.98 -5.39 0.33
C ILE A 87 20.90 -6.18 -0.98
N ARG A 88 19.90 -5.90 -1.82
CA ARG A 88 19.95 -6.27 -3.24
C ARG A 88 20.40 -5.06 -4.05
N ASP A 89 21.38 -5.25 -4.93
CA ASP A 89 22.06 -4.13 -5.55
C ASP A 89 21.19 -3.54 -6.65
N ARG A 90 20.72 -2.31 -6.39
CA ARG A 90 20.03 -1.43 -7.31
C ARG A 90 19.18 -2.20 -8.31
N PRO A 91 18.13 -2.93 -7.87
CA PRO A 91 17.35 -3.77 -8.76
C PRO A 91 16.79 -3.02 -9.96
N PHE A 92 16.28 -1.81 -9.74
CA PHE A 92 15.49 -1.13 -10.77
C PHE A 92 16.36 -0.40 -11.80
N GLU A 93 17.68 -0.54 -11.76
CA GLU A 93 18.50 0.22 -12.68
C GLU A 93 19.16 -0.74 -13.64
N ARG A 94 19.89 -0.13 -14.59
CA ARG A 94 20.71 -0.83 -15.56
C ARG A 94 21.85 0.12 -15.96
N THR A 95 23.04 -0.43 -16.29
CA THR A 95 24.16 0.42 -16.62
C THR A 95 24.63 0.19 -18.05
N ILE A 96 24.82 1.30 -18.78
CA ILE A 96 25.28 1.31 -20.16
C ILE A 96 26.72 1.86 -20.20
N THR A 97 27.57 1.23 -21.02
CA THR A 97 28.90 1.75 -21.32
C THR A 97 28.90 2.35 -22.73
N MET A 98 29.29 3.62 -22.84
CA MET A 98 29.26 4.36 -24.10
C MET A 98 30.61 5.01 -24.39
N HIS A 99 30.89 5.34 -25.65
CA HIS A 99 32.11 6.04 -26.04
C HIS A 99 31.72 7.36 -26.71
N LYS A 100 32.66 8.31 -26.78
CA LYS A 100 32.41 9.62 -27.35
C LYS A 100 33.04 9.73 -28.73
N ASP A 101 32.40 10.51 -29.60
CA ASP A 101 32.98 10.88 -30.88
C ASP A 101 34.18 11.80 -30.62
N SER A 102 34.83 12.26 -31.68
CA SER A 102 35.88 13.26 -31.53
C SER A 102 35.22 14.62 -31.23
N THR A 103 33.93 14.77 -31.53
CA THR A 103 33.17 15.94 -31.11
C THR A 103 32.84 15.91 -29.62
N GLY A 104 33.27 14.85 -28.92
CA GLY A 104 32.91 14.62 -27.53
C GLY A 104 31.39 14.56 -27.28
N HIS A 105 30.74 13.52 -27.81
CA HIS A 105 29.33 13.28 -27.54
C HIS A 105 29.10 11.78 -27.40
N VAL A 106 28.12 11.42 -26.58
CA VAL A 106 27.68 10.04 -26.48
C VAL A 106 26.40 9.90 -27.29
N GLY A 107 25.65 11.00 -27.32
CA GLY A 107 24.69 11.23 -28.39
C GLY A 107 23.26 11.09 -27.91
N PHE A 108 22.83 11.97 -26.99
CA PHE A 108 21.45 12.01 -26.54
C PHE A 108 21.12 13.36 -25.90
N ILE A 109 19.81 13.57 -25.66
CA ILE A 109 19.27 14.77 -25.07
C ILE A 109 18.49 14.38 -23.82
N PHE A 110 18.67 15.15 -22.75
CA PHE A 110 17.96 14.92 -21.50
C PHE A 110 17.53 16.25 -20.88
N LYS A 111 16.47 16.19 -20.06
CA LYS A 111 15.92 17.36 -19.41
C LYS A 111 15.15 16.96 -18.14
N ASN A 112 15.58 17.56 -17.01
CA ASN A 112 15.18 17.22 -15.65
C ASN A 112 15.68 15.82 -15.28
N GLY A 113 16.95 15.51 -15.57
CA GLY A 113 17.53 14.21 -15.25
C GLY A 113 17.13 13.11 -16.23
N LYS A 114 16.09 13.39 -17.04
CA LYS A 114 15.44 12.37 -17.85
C LYS A 114 15.80 12.53 -19.32
N ILE A 115 16.17 11.40 -19.95
CA ILE A 115 16.54 11.34 -21.35
C ILE A 115 15.28 11.39 -22.21
N THR A 116 15.22 12.34 -23.15
CA THR A 116 13.99 12.61 -23.89
C THR A 116 14.08 12.17 -25.35
N SER A 117 15.30 12.14 -25.92
CA SER A 117 15.49 11.71 -27.30
C SER A 117 16.91 11.22 -27.51
N ILE A 118 17.10 10.38 -28.54
CA ILE A 118 18.39 9.75 -28.84
C ILE A 118 18.79 10.16 -30.25
N VAL A 119 20.09 10.43 -30.44
CA VAL A 119 20.62 11.01 -31.66
C VAL A 119 21.26 9.94 -32.51
N LYS A 120 20.80 9.85 -33.76
CA LYS A 120 20.99 8.62 -34.53
C LYS A 120 22.46 8.54 -34.92
N ASP A 121 22.92 7.30 -35.14
CA ASP A 121 24.32 6.99 -35.42
C ASP A 121 25.27 7.47 -34.33
N SER A 122 24.86 7.36 -33.06
CA SER A 122 25.71 7.68 -31.95
C SER A 122 25.89 6.44 -31.09
N SER A 123 26.88 6.48 -30.20
CA SER A 123 27.13 5.34 -29.32
C SER A 123 25.91 5.11 -28.42
N ALA A 124 25.18 6.20 -28.13
CA ALA A 124 23.92 6.10 -27.42
C ALA A 124 22.96 5.16 -28.15
N ALA A 125 23.00 5.20 -29.48
CA ALA A 125 22.16 4.35 -30.29
C ALA A 125 22.78 2.96 -30.46
N ARG A 126 24.11 2.92 -30.65
CA ARG A 126 24.74 1.64 -30.95
C ARG A 126 24.52 0.73 -29.76
N ASN A 127 24.38 1.35 -28.57
CA ASN A 127 24.28 0.68 -27.27
C ASN A 127 22.85 0.65 -26.74
N GLY A 128 21.90 1.29 -27.44
CA GLY A 128 20.48 1.08 -27.14
C GLY A 128 20.05 1.82 -25.88
N LEU A 129 20.44 3.09 -25.82
CA LEU A 129 20.00 3.94 -24.73
C LEU A 129 18.54 4.22 -25.01
N LEU A 130 17.76 4.18 -23.93
CA LEU A 130 16.32 4.37 -23.97
C LEU A 130 16.03 5.78 -23.49
N THR A 131 14.82 6.26 -23.80
CA THR A 131 14.33 7.51 -23.27
C THR A 131 13.42 7.25 -22.07
N GLU A 132 12.87 8.32 -21.52
CA GLU A 132 11.92 8.20 -20.44
C GLU A 132 12.58 7.47 -19.28
N HIS A 133 13.90 7.59 -19.20
CA HIS A 133 14.72 6.94 -18.19
C HIS A 133 15.56 8.03 -17.51
N ASN A 134 15.38 8.18 -16.20
CA ASN A 134 16.10 9.18 -15.42
C ASN A 134 17.55 8.74 -15.22
N ILE A 135 18.47 9.70 -15.35
CA ILE A 135 19.88 9.45 -15.08
C ILE A 135 20.10 9.36 -13.58
N CYS A 136 20.58 8.20 -13.12
CA CYS A 136 20.73 7.92 -11.70
C CYS A 136 22.18 8.13 -11.25
N GLU A 137 23.11 7.48 -11.93
CA GLU A 137 24.51 7.67 -11.65
C GLU A 137 25.23 7.91 -12.98
N ILE A 138 26.49 8.34 -12.89
CA ILE A 138 27.41 8.47 -14.01
C ILE A 138 28.79 8.09 -13.48
N ASN A 139 29.39 7.03 -14.03
CA ASN A 139 30.74 6.68 -13.65
C ASN A 139 30.85 6.58 -12.14
N GLY A 140 29.87 5.94 -11.51
CA GLY A 140 29.91 5.71 -10.08
C GLY A 140 29.14 6.77 -9.30
N GLN A 141 28.98 7.96 -9.88
CA GLN A 141 28.59 9.11 -9.09
C GLN A 141 27.09 9.35 -9.16
N ASN A 142 26.43 9.32 -8.00
CA ASN A 142 25.01 9.61 -7.97
C ASN A 142 24.81 11.09 -8.30
N VAL A 143 24.04 11.40 -9.38
CA VAL A 143 23.83 12.76 -9.88
C VAL A 143 22.37 13.18 -9.73
N ILE A 144 21.62 12.37 -8.98
CA ILE A 144 20.22 12.65 -8.73
C ILE A 144 20.13 13.95 -7.96
N GLY A 145 19.52 14.97 -8.60
CA GLY A 145 19.19 16.21 -7.93
C GLY A 145 20.03 17.38 -8.46
N LEU A 146 21.17 17.04 -9.07
CA LEU A 146 22.01 18.06 -9.67
C LEU A 146 21.20 18.74 -10.76
N LYS A 147 21.69 19.90 -11.22
CA LYS A 147 21.08 20.59 -12.34
C LYS A 147 21.59 19.93 -13.62
N ASP A 148 20.83 20.11 -14.71
CA ASP A 148 21.16 19.49 -15.99
C ASP A 148 22.53 20.01 -16.44
N SER A 149 22.72 21.32 -16.31
CA SER A 149 23.96 22.01 -16.63
C SER A 149 25.16 21.43 -15.89
N GLN A 150 24.95 20.94 -14.65
CA GLN A 150 26.01 20.32 -13.88
C GLN A 150 26.27 18.89 -14.35
N ILE A 151 25.21 18.17 -14.77
CA ILE A 151 25.37 16.81 -15.28
C ILE A 151 26.19 16.88 -16.57
N ALA A 152 25.81 17.85 -17.43
CA ALA A 152 26.48 18.12 -18.69
C ALA A 152 27.99 18.33 -18.49
N ASP A 153 28.36 19.08 -17.45
CA ASP A 153 29.76 19.34 -17.10
C ASP A 153 30.48 18.05 -16.69
N ILE A 154 29.77 17.08 -16.10
CA ILE A 154 30.38 15.84 -15.65
C ILE A 154 30.67 14.95 -16.85
N LEU A 155 29.81 15.08 -17.87
CA LEU A 155 29.94 14.30 -19.09
C LEU A 155 30.97 14.92 -20.00
N SER A 156 30.96 16.25 -20.08
CA SER A 156 32.06 17.02 -20.65
C SER A 156 33.39 16.53 -20.05
N THR A 157 33.49 16.56 -18.71
CA THR A 157 34.76 16.34 -18.02
C THR A 157 35.09 14.85 -17.88
N SER A 158 34.23 13.96 -18.40
CA SER A 158 34.52 12.54 -18.35
C SER A 158 35.47 12.18 -19.48
N GLY A 159 36.28 11.14 -19.24
CA GLY A 159 37.12 10.55 -20.28
C GLY A 159 36.31 10.22 -21.53
N THR A 160 36.86 9.38 -22.42
CA THR A 160 36.13 9.01 -23.63
C THR A 160 35.02 8.03 -23.24
N VAL A 161 35.34 7.14 -22.28
CA VAL A 161 34.43 6.11 -21.81
C VAL A 161 33.54 6.69 -20.70
N VAL A 162 32.24 6.66 -20.95
CA VAL A 162 31.24 7.15 -20.02
C VAL A 162 30.32 5.99 -19.65
N THR A 163 30.01 5.88 -18.35
CA THR A 163 29.24 4.78 -17.82
C THR A 163 28.04 5.35 -17.11
N ILE A 164 26.85 5.19 -17.72
CA ILE A 164 25.63 5.75 -17.16
C ILE A 164 24.70 4.67 -16.61
N THR A 165 24.00 5.06 -15.54
CA THR A 165 23.12 4.20 -14.77
C THR A 165 21.70 4.80 -14.77
N ILE A 166 20.77 4.12 -15.46
CA ILE A 166 19.45 4.68 -15.68
C ILE A 166 18.36 3.87 -14.99
N MET A 167 17.22 4.54 -14.76
CA MET A 167 16.03 3.97 -14.14
C MET A 167 14.81 4.41 -14.92
N PRO A 168 13.86 3.51 -15.20
CA PRO A 168 12.56 3.94 -15.73
C PRO A 168 11.96 5.09 -14.92
N ALA A 169 11.54 6.14 -15.64
CA ALA A 169 11.10 7.38 -15.02
C ALA A 169 9.90 7.17 -14.12
N PHE A 170 8.98 6.26 -14.49
N PHE A 170 9.00 6.24 -14.48
CA PHE A 170 7.79 6.02 -13.68
CA PHE A 170 7.81 6.03 -13.68
C PHE A 170 8.20 5.48 -12.31
C PHE A 170 8.19 5.47 -12.32
N ILE A 171 9.24 4.64 -12.29
CA ILE A 171 9.75 4.13 -11.03
C ILE A 171 10.50 5.24 -10.29
N PHE A 172 11.43 5.88 -11.01
CA PHE A 172 12.18 7.00 -10.47
C PHE A 172 11.28 8.00 -9.74
N GLU A 173 10.20 8.41 -10.40
CA GLU A 173 9.28 9.42 -9.90
C GLU A 173 8.50 8.93 -8.68
N HIS A 174 8.39 7.61 -8.49
CA HIS A 174 7.68 7.03 -7.36
C HIS A 174 8.61 6.93 -6.15
N ILE A 175 9.92 6.84 -6.41
CA ILE A 175 10.90 6.74 -5.33
C ILE A 175 11.12 8.09 -4.65
N ILE A 176 11.21 9.16 -5.46
CA ILE A 176 11.64 10.46 -5.01
C ILE A 176 10.47 11.26 -4.44
N LYS A 177 9.21 10.86 -4.69
CA LYS A 177 8.05 11.57 -4.18
C LYS A 177 8.06 11.61 -2.65
N ARG A 178 7.93 12.83 -2.10
CA ARG A 178 7.89 13.13 -0.67
C ARG A 178 9.31 13.43 -0.12
N MET A 179 10.24 13.65 -1.06
CA MET A 179 11.57 14.14 -0.76
C MET A 179 11.78 15.43 -1.55
N ALA A 180 12.19 16.50 -0.86
CA ALA A 180 12.22 17.86 -1.40
C ALA A 180 13.37 18.04 -2.37
N PRO A 181 13.16 18.68 -3.54
CA PRO A 181 14.26 18.88 -4.50
C PRO A 181 15.43 19.67 -3.90
N SER A 182 15.14 20.42 -2.82
CA SER A 182 16.14 21.11 -2.02
C SER A 182 17.17 20.14 -1.44
N ILE A 183 16.69 19.07 -0.79
CA ILE A 183 17.51 18.09 -0.07
C ILE A 183 18.21 17.17 -1.08
N MET A 184 17.50 16.89 -2.20
CA MET A 184 18.03 16.11 -3.31
C MET A 184 19.38 16.67 -3.72
N LYS A 185 19.48 18.01 -3.82
CA LYS A 185 20.66 18.72 -4.29
C LYS A 185 21.68 18.90 -3.16
N SER A 186 21.18 19.12 -1.93
CA SER A 186 22.04 19.53 -0.81
C SER A 186 22.80 18.32 -0.27
N LEU A 187 22.05 17.28 0.16
CA LEU A 187 22.56 16.29 1.11
C LEU A 187 22.73 14.89 0.51
N MET A 188 22.07 14.58 -0.61
CA MET A 188 22.32 13.35 -1.37
C MET A 188 23.80 13.26 -1.74
N ASP A 189 24.37 12.06 -1.56
CA ASP A 189 25.79 11.81 -1.66
C ASP A 189 26.22 11.85 -3.13
N HIS A 190 26.74 13.01 -3.57
CA HIS A 190 27.19 13.17 -4.95
C HIS A 190 28.71 13.11 -5.02
N THR A 191 29.28 12.01 -4.55
CA THR A 191 30.72 11.95 -4.31
C THR A 191 31.24 10.63 -4.86
N ILE A 192 32.52 10.63 -5.22
CA ILE A 192 33.19 9.43 -5.66
C ILE A 192 33.44 8.59 -4.43
N PRO A 193 33.40 7.24 -4.50
CA PRO A 193 33.65 6.37 -3.35
C PRO A 193 35.06 6.38 -2.73
N GLU A 194 35.07 6.47 -1.39
CA GLU A 194 36.30 6.45 -0.61
C GLU A 194 36.87 5.03 -0.66
N VAL A 195 38.20 4.91 -0.60
CA VAL A 195 38.86 3.61 -0.71
C VAL A 195 39.81 3.41 0.49
N ALA B 3 1.12 18.35 33.02
CA ALA B 3 0.11 19.43 33.17
C ALA B 3 0.79 20.80 33.17
N GLU B 4 1.64 21.03 34.19
CA GLU B 4 2.16 22.33 34.59
C GLU B 4 3.28 22.78 33.64
N ILE B 5 3.36 24.10 33.37
CA ILE B 5 4.36 24.70 32.47
C ILE B 5 5.77 24.50 33.07
N LYS B 6 6.69 23.88 32.30
CA LYS B 6 7.97 23.37 32.82
C LYS B 6 9.08 24.41 32.65
N GLN B 7 9.92 24.58 33.70
CA GLN B 7 10.93 25.64 33.75
C GLN B 7 12.16 25.27 32.93
N GLY B 8 12.76 26.27 32.27
CA GLY B 8 13.87 26.03 31.38
C GLY B 8 13.45 25.24 30.14
N ILE B 9 14.44 24.59 29.51
CA ILE B 9 14.44 24.22 28.10
C ILE B 9 14.54 22.70 27.95
N ARG B 10 13.84 22.10 26.98
CA ARG B 10 14.06 20.70 26.62
C ARG B 10 14.58 20.56 25.18
N GLU B 11 14.93 19.32 24.78
CA GLU B 11 15.42 19.05 23.44
C GLU B 11 14.65 17.88 22.87
N VAL B 12 14.04 18.05 21.68
CA VAL B 12 13.25 17.00 21.02
C VAL B 12 13.83 16.63 19.66
N ILE B 13 13.72 15.35 19.31
CA ILE B 13 14.20 14.78 18.07
C ILE B 13 13.01 14.27 17.27
N LEU B 14 12.98 14.58 15.97
CA LEU B 14 11.87 14.24 15.11
C LEU B 14 12.36 13.60 13.82
N CYS B 15 11.76 12.46 13.48
CA CYS B 15 11.79 11.91 12.14
C CYS B 15 10.64 12.49 11.33
N LYS B 16 10.82 12.68 10.01
CA LYS B 16 9.73 13.14 9.18
C LYS B 16 8.93 11.94 8.74
N ASP B 17 7.60 12.11 8.64
CA ASP B 17 6.73 11.02 8.24
C ASP B 17 6.98 10.75 6.75
N GLN B 18 6.22 9.79 6.19
CA GLN B 18 6.50 9.27 4.86
C GLN B 18 5.96 10.19 3.76
N ASP B 19 5.31 11.30 4.17
CA ASP B 19 4.90 12.36 3.26
C ASP B 19 5.81 13.60 3.42
N GLY B 20 6.93 13.45 4.15
CA GLY B 20 7.92 14.49 4.27
C GLY B 20 7.51 15.62 5.22
N LYS B 21 6.40 15.46 5.96
CA LYS B 21 5.84 16.49 6.84
C LYS B 21 6.09 16.14 8.30
N ILE B 22 6.16 17.19 9.14
CA ILE B 22 6.34 17.05 10.59
C ILE B 22 5.04 17.33 11.32
N GLY B 23 4.19 18.15 10.70
CA GLY B 23 2.88 18.44 11.27
C GLY B 23 2.97 19.56 12.29
N LEU B 24 3.71 20.62 11.89
CA LEU B 24 3.89 21.84 12.65
C LEU B 24 3.59 23.05 11.79
N ARG B 25 3.09 24.12 12.43
CA ARG B 25 3.16 25.49 11.92
C ARG B 25 3.79 26.39 12.98
N LEU B 26 4.69 27.26 12.48
CA LEU B 26 5.49 28.18 13.29
C LEU B 26 5.15 29.60 12.89
N LYS B 27 5.04 30.49 13.90
CA LYS B 27 4.81 31.91 13.68
C LYS B 27 5.89 32.70 14.40
N SER B 28 6.35 33.78 13.75
CA SER B 28 7.31 34.69 14.36
C SER B 28 6.57 35.62 15.31
N ILE B 29 6.99 35.64 16.57
CA ILE B 29 6.37 36.47 17.60
C ILE B 29 7.49 37.11 18.41
N ASP B 30 7.72 38.41 18.18
CA ASP B 30 8.67 39.20 18.94
C ASP B 30 10.08 38.64 18.72
N ASN B 31 10.46 38.37 17.47
CA ASN B 31 11.79 37.87 17.15
C ASN B 31 12.09 36.54 17.84
N GLY B 32 11.04 35.83 18.26
CA GLY B 32 11.16 34.42 18.63
C GLY B 32 10.35 33.61 17.64
N ILE B 33 10.42 32.27 17.75
CA ILE B 33 9.63 31.41 16.88
C ILE B 33 8.72 30.54 17.73
N PHE B 34 7.44 30.54 17.38
CA PHE B 34 6.47 29.87 18.22
C PHE B 34 5.53 29.02 17.39
N VAL B 35 5.06 27.97 18.07
CA VAL B 35 4.20 26.98 17.48
C VAL B 35 2.79 27.56 17.46
N GLN B 36 2.18 27.66 16.28
CA GLN B 36 0.78 28.06 16.18
C GLN B 36 -0.13 26.86 15.90
N LEU B 37 0.45 25.69 15.57
CA LEU B 37 -0.34 24.49 15.32
C LEU B 37 0.52 23.22 15.37
N VAL B 38 -0.04 22.16 15.96
CA VAL B 38 0.49 20.80 15.89
C VAL B 38 -0.63 19.89 15.39
N GLN B 39 -0.36 18.97 14.44
CA GLN B 39 -1.38 18.08 13.86
C GLN B 39 -1.52 16.77 14.62
N ALA B 40 -2.76 16.29 14.70
CA ALA B 40 -3.08 15.03 15.36
C ALA B 40 -2.37 13.88 14.65
N ASN B 41 -1.70 13.03 15.43
CA ASN B 41 -0.89 11.98 14.83
C ASN B 41 0.04 12.62 13.82
N SER B 42 1.11 13.18 14.38
CA SER B 42 2.21 13.67 13.57
C SER B 42 3.50 13.54 14.37
N PRO B 43 4.66 13.38 13.69
CA PRO B 43 5.94 13.37 14.38
C PRO B 43 5.89 14.34 15.55
N ALA B 44 5.31 15.53 15.28
CA ALA B 44 5.26 16.61 16.26
C ALA B 44 4.47 16.20 17.48
N SER B 45 3.16 15.93 17.29
CA SER B 45 2.26 15.58 18.37
C SER B 45 2.84 14.45 19.21
N LEU B 46 3.40 13.43 18.54
CA LEU B 46 3.88 12.26 19.25
C LEU B 46 5.05 12.62 20.17
N VAL B 47 5.93 13.56 19.75
CA VAL B 47 7.09 13.89 20.57
C VAL B 47 6.70 14.92 21.62
N GLY B 48 5.47 15.46 21.50
CA GLY B 48 4.87 16.21 22.58
C GLY B 48 5.19 17.69 22.50
N LEU B 49 5.32 18.19 21.26
CA LEU B 49 5.28 19.62 20.99
C LEU B 49 3.84 20.10 21.15
N ARG B 50 3.68 21.23 21.84
CA ARG B 50 2.39 21.80 22.13
C ARG B 50 2.28 23.18 21.51
N PHE B 51 1.02 23.62 21.33
CA PHE B 51 0.73 24.98 20.93
C PHE B 51 1.38 25.93 21.94
N GLY B 52 1.98 27.00 21.40
CA GLY B 52 2.57 28.04 22.23
C GLY B 52 4.04 27.81 22.57
N ASP B 53 4.53 26.57 22.41
CA ASP B 53 5.94 26.29 22.63
C ASP B 53 6.79 27.28 21.81
N GLN B 54 7.91 27.70 22.40
CA GLN B 54 8.90 28.50 21.69
C GLN B 54 9.94 27.57 21.09
N VAL B 55 10.34 27.81 19.83
CA VAL B 55 11.42 27.04 19.22
C VAL B 55 12.66 27.90 19.22
N LEU B 56 13.63 27.47 20.02
CA LEU B 56 14.82 28.27 20.23
C LEU B 56 15.83 28.02 19.12
N GLN B 57 15.99 26.72 18.81
CA GLN B 57 16.84 26.29 17.72
C GLN B 57 16.21 25.12 16.98
N ILE B 58 16.64 24.94 15.72
CA ILE B 58 16.31 23.82 14.84
C ILE B 58 17.64 23.36 14.23
N ASN B 59 18.05 22.14 14.58
CA ASN B 59 19.30 21.61 14.09
C ASN B 59 20.44 22.53 14.53
N GLY B 60 20.37 23.01 15.78
CA GLY B 60 21.44 23.83 16.32
C GLY B 60 21.63 25.15 15.56
N GLU B 61 20.56 25.71 15.03
CA GLU B 61 20.63 27.03 14.45
C GLU B 61 19.56 27.87 15.15
N ASN B 62 19.93 29.06 15.62
CA ASN B 62 19.04 29.84 16.45
C ASN B 62 17.88 30.35 15.59
N CYS B 63 16.68 30.29 16.15
CA CYS B 63 15.50 30.73 15.43
C CYS B 63 15.28 32.23 15.59
N ALA B 64 16.08 32.87 16.44
CA ALA B 64 15.93 34.29 16.69
C ALA B 64 15.96 35.08 15.38
N GLY B 65 14.92 35.91 15.21
CA GLY B 65 14.86 36.89 14.14
C GLY B 65 14.47 36.27 12.81
N TRP B 66 13.81 35.13 12.85
CA TRP B 66 13.39 34.46 11.64
C TRP B 66 11.99 34.92 11.29
N SER B 67 11.69 34.99 9.99
CA SER B 67 10.31 35.11 9.52
C SER B 67 9.59 33.76 9.65
N SER B 68 8.26 33.77 9.52
CA SER B 68 7.48 32.55 9.61
C SER B 68 7.80 31.69 8.41
N ASP B 69 8.03 32.36 7.28
CA ASP B 69 8.36 31.71 6.02
C ASP B 69 9.71 31.00 6.13
N LYS B 70 10.67 31.62 6.82
CA LYS B 70 12.02 31.07 6.90
C LYS B 70 12.04 29.82 7.77
N ALA B 71 11.28 29.85 8.86
CA ALA B 71 11.23 28.70 9.73
C ALA B 71 10.67 27.53 8.95
N HIS B 72 9.51 27.76 8.32
CA HIS B 72 8.82 26.74 7.55
C HIS B 72 9.71 26.24 6.40
N LYS B 73 10.40 27.20 5.78
CA LYS B 73 11.26 26.90 4.68
C LYS B 73 12.33 25.98 5.20
N VAL B 74 12.87 26.27 6.38
CA VAL B 74 13.95 25.46 6.93
C VAL B 74 13.48 24.02 7.13
N LEU B 75 12.25 23.86 7.64
CA LEU B 75 11.71 22.55 7.97
C LEU B 75 11.46 21.72 6.72
N LYS B 76 10.90 22.31 5.67
CA LYS B 76 10.68 21.50 4.49
C LYS B 76 12.03 21.13 3.86
N GLN B 77 13.10 21.88 4.21
CA GLN B 77 14.42 21.69 3.61
C GLN B 77 15.32 20.78 4.45
N ALA B 78 14.83 20.28 5.57
CA ALA B 78 15.62 19.46 6.47
C ALA B 78 15.56 17.98 6.08
N PHE B 79 16.71 17.31 6.10
CA PHE B 79 16.73 15.86 6.06
C PHE B 79 15.87 15.33 7.20
N GLY B 80 15.04 14.31 6.94
CA GLY B 80 13.97 13.97 7.84
C GLY B 80 14.30 12.85 8.82
N GLU B 81 15.58 12.51 8.98
CA GLU B 81 15.96 11.39 9.83
C GLU B 81 16.05 11.81 11.31
N LYS B 82 16.94 12.75 11.66
CA LYS B 82 16.95 13.41 12.96
C LYS B 82 16.98 14.91 12.77
N ILE B 83 15.86 15.55 13.03
CA ILE B 83 15.80 16.96 13.25
C ILE B 83 15.79 17.19 14.75
N THR B 84 16.76 17.95 15.26
CA THR B 84 16.72 18.33 16.66
C THR B 84 15.99 19.67 16.77
N MET B 85 15.30 19.85 17.89
CA MET B 85 14.71 21.13 18.21
C MET B 85 14.89 21.35 19.71
N THR B 86 15.46 22.50 20.10
CA THR B 86 15.59 22.90 21.48
C THR B 86 14.48 23.89 21.77
N ILE B 87 13.68 23.59 22.81
CA ILE B 87 12.32 24.06 23.00
C ILE B 87 12.11 24.55 24.41
N ARG B 88 11.63 25.81 24.57
CA ARG B 88 11.16 26.31 25.85
C ARG B 88 9.66 26.05 25.93
N ASP B 89 9.18 25.64 27.11
CA ASP B 89 7.81 25.15 27.25
C ASP B 89 6.86 26.31 27.41
N ARG B 90 5.90 26.45 26.47
CA ARG B 90 4.74 27.33 26.54
C ARG B 90 5.00 28.60 27.36
N PRO B 91 6.02 29.41 26.99
CA PRO B 91 6.30 30.69 27.67
C PRO B 91 5.14 31.63 28.03
N PHE B 92 4.21 31.87 27.10
CA PHE B 92 3.17 32.89 27.25
C PHE B 92 1.99 32.32 28.05
N GLU B 93 2.04 31.01 28.32
CA GLU B 93 0.96 30.34 29.01
C GLU B 93 1.33 30.19 30.48
N ARG B 94 0.30 30.05 31.32
CA ARG B 94 0.36 29.52 32.68
C ARG B 94 -0.85 28.60 32.92
N THR B 95 -0.71 27.61 33.81
CA THR B 95 -1.83 26.73 34.13
C THR B 95 -2.37 27.04 35.53
N ILE B 96 -3.70 27.10 35.64
CA ILE B 96 -4.39 27.33 36.90
C ILE B 96 -5.08 26.02 37.30
N THR B 97 -5.11 25.73 38.60
CA THR B 97 -5.84 24.58 39.07
C THR B 97 -6.98 25.05 39.97
N MET B 98 -8.14 24.43 39.78
CA MET B 98 -9.38 24.90 40.39
C MET B 98 -10.30 23.71 40.70
N HIS B 99 -10.92 23.74 41.88
CA HIS B 99 -11.76 22.62 42.32
C HIS B 99 -13.17 23.00 41.95
N LYS B 100 -13.93 22.04 41.42
CA LYS B 100 -15.33 22.27 41.17
C LYS B 100 -16.04 22.43 42.50
N ASP B 101 -17.14 23.19 42.52
CA ASP B 101 -17.97 23.26 43.71
C ASP B 101 -19.05 22.17 43.59
N SER B 102 -20.05 22.23 44.46
CA SER B 102 -21.14 21.25 44.48
C SER B 102 -22.02 21.27 43.23
N THR B 103 -22.03 22.36 42.44
CA THR B 103 -22.77 22.42 41.18
C THR B 103 -21.87 22.07 39.99
N GLY B 104 -20.60 21.79 40.25
CA GLY B 104 -19.68 21.42 39.19
C GLY B 104 -19.18 22.63 38.40
N HIS B 105 -18.95 23.75 39.12
CA HIS B 105 -18.55 25.02 38.54
C HIS B 105 -17.25 25.49 39.18
N VAL B 106 -16.31 25.90 38.33
CA VAL B 106 -15.03 26.39 38.80
C VAL B 106 -15.18 27.88 39.06
N GLY B 107 -15.98 28.52 38.19
CA GLY B 107 -16.53 29.85 38.42
C GLY B 107 -16.08 30.89 37.39
N PHE B 108 -16.37 30.67 36.11
CA PHE B 108 -16.11 31.70 35.13
C PHE B 108 -17.11 31.64 33.95
N ILE B 109 -17.02 32.69 33.14
CA ILE B 109 -17.78 32.81 31.92
C ILE B 109 -16.76 33.03 30.82
N PHE B 110 -17.12 32.67 29.58
CA PHE B 110 -16.23 32.81 28.44
C PHE B 110 -17.02 32.78 27.13
N LYS B 111 -16.38 33.28 26.05
CA LYS B 111 -16.99 33.37 24.72
C LYS B 111 -15.91 33.34 23.66
N ASN B 112 -16.07 32.48 22.63
CA ASN B 112 -14.99 32.09 21.73
C ASN B 112 -13.74 31.86 22.55
N GLY B 113 -13.84 31.01 23.57
CA GLY B 113 -12.69 30.52 24.30
C GLY B 113 -11.90 31.60 25.03
N LYS B 114 -12.48 32.79 25.21
CA LYS B 114 -11.84 33.83 25.99
C LYS B 114 -12.66 34.04 27.24
N ILE B 115 -11.98 34.10 28.39
CA ILE B 115 -12.60 34.26 29.70
C ILE B 115 -12.98 35.72 29.87
N THR B 116 -14.27 35.95 30.15
CA THR B 116 -14.89 37.26 30.09
C THR B 116 -15.18 37.75 31.50
N SER B 117 -15.68 36.85 32.34
CA SER B 117 -16.05 37.21 33.68
C SER B 117 -15.58 36.10 34.61
N ILE B 118 -15.28 36.48 35.87
CA ILE B 118 -14.95 35.53 36.91
C ILE B 118 -16.06 35.64 37.95
N VAL B 119 -16.62 34.51 38.38
CA VAL B 119 -17.70 34.47 39.35
C VAL B 119 -17.14 34.74 40.75
N LYS B 120 -17.99 35.25 41.66
CA LYS B 120 -17.56 35.64 42.97
C LYS B 120 -17.46 34.41 43.88
N ASP B 121 -16.53 34.45 44.83
CA ASP B 121 -16.33 33.35 45.78
C ASP B 121 -16.44 31.99 45.08
N SER B 122 -15.79 31.85 43.92
CA SER B 122 -15.67 30.57 43.23
C SER B 122 -14.21 30.17 43.17
N SER B 123 -13.95 28.94 42.76
CA SER B 123 -12.58 28.45 42.80
C SER B 123 -11.74 29.35 41.89
N ALA B 124 -12.34 29.70 40.75
CA ALA B 124 -11.74 30.66 39.87
C ALA B 124 -11.29 31.85 40.70
N ALA B 125 -12.23 32.45 41.42
CA ALA B 125 -11.93 33.64 42.19
C ALA B 125 -10.84 33.39 43.22
N ARG B 126 -10.96 32.22 43.90
CA ARG B 126 -10.05 31.83 44.96
C ARG B 126 -8.65 31.67 44.37
N ASN B 127 -8.58 31.12 43.15
CA ASN B 127 -7.31 30.81 42.49
C ASN B 127 -6.84 31.88 41.49
N GLY B 128 -7.55 33.02 41.44
CA GLY B 128 -7.05 34.22 40.77
C GLY B 128 -7.00 34.09 39.25
N LEU B 129 -8.01 33.43 38.68
CA LEU B 129 -8.18 33.33 37.25
C LEU B 129 -8.37 34.73 36.68
N LEU B 130 -7.81 35.02 35.51
CA LEU B 130 -7.88 36.34 34.91
C LEU B 130 -8.83 36.33 33.72
N THR B 131 -9.44 37.49 33.46
CA THR B 131 -10.27 37.65 32.28
C THR B 131 -9.38 38.10 31.14
N GLU B 132 -9.92 38.07 29.92
CA GLU B 132 -9.21 38.53 28.75
C GLU B 132 -8.05 37.56 28.47
N HIS B 133 -8.19 36.33 28.96
CA HIS B 133 -7.23 35.26 28.72
C HIS B 133 -7.95 34.18 27.94
N ASN B 134 -7.37 33.76 26.81
CA ASN B 134 -7.93 32.70 26.00
C ASN B 134 -7.62 31.36 26.66
N ILE B 135 -8.59 30.44 26.66
CA ILE B 135 -8.30 29.10 27.14
C ILE B 135 -7.58 28.29 26.06
N CYS B 136 -6.39 27.78 26.40
CA CYS B 136 -5.57 27.03 25.48
C CYS B 136 -5.68 25.51 25.67
N GLU B 137 -5.61 25.07 26.94
CA GLU B 137 -5.63 23.65 27.27
C GLU B 137 -6.49 23.47 28.52
N ILE B 138 -7.15 22.30 28.59
CA ILE B 138 -7.80 21.82 29.79
C ILE B 138 -7.29 20.42 30.11
N ASN B 139 -6.65 20.27 31.28
CA ASN B 139 -6.09 19.00 31.73
C ASN B 139 -5.08 18.48 30.72
N GLY B 140 -4.33 19.42 30.13
CA GLY B 140 -3.23 19.12 29.24
C GLY B 140 -3.69 19.06 27.80
N GLN B 141 -5.02 19.08 27.63
CA GLN B 141 -5.69 18.90 26.36
C GLN B 141 -5.89 20.25 25.64
N ASN B 142 -5.24 20.38 24.48
CA ASN B 142 -5.42 21.52 23.58
C ASN B 142 -6.88 21.59 23.15
N VAL B 143 -7.49 22.77 23.27
CA VAL B 143 -8.91 22.96 23.00
C VAL B 143 -9.09 24.12 22.04
N ILE B 144 -8.02 24.44 21.30
CA ILE B 144 -7.97 25.63 20.49
C ILE B 144 -8.73 25.34 19.19
N GLY B 145 -9.69 26.22 18.85
CA GLY B 145 -10.51 26.07 17.65
C GLY B 145 -11.86 25.39 17.91
N LEU B 146 -12.04 24.83 19.11
CA LEU B 146 -13.25 24.12 19.50
C LEU B 146 -14.33 25.11 19.87
N LYS B 147 -15.57 24.64 19.84
CA LYS B 147 -16.73 25.47 20.03
C LYS B 147 -17.00 25.57 21.53
N ASP B 148 -17.46 26.72 22.00
CA ASP B 148 -17.64 26.90 23.42
C ASP B 148 -18.44 25.73 24.02
N SER B 149 -19.27 25.08 23.21
CA SER B 149 -20.07 23.96 23.68
C SER B 149 -19.18 22.75 23.98
N GLN B 150 -18.20 22.54 23.10
CA GLN B 150 -17.24 21.45 23.21
C GLN B 150 -16.35 21.71 24.44
N ILE B 151 -15.88 22.96 24.59
CA ILE B 151 -15.06 23.34 25.73
C ILE B 151 -15.88 23.16 27.01
N ALA B 152 -17.19 23.44 26.94
CA ALA B 152 -18.04 23.24 28.11
C ALA B 152 -18.16 21.74 28.41
N ASP B 153 -18.39 20.92 27.38
CA ASP B 153 -18.59 19.49 27.61
C ASP B 153 -17.36 18.91 28.31
N ILE B 154 -16.19 19.16 27.74
CA ILE B 154 -14.92 18.77 28.31
C ILE B 154 -14.79 19.14 29.80
N LEU B 155 -15.09 20.38 30.17
CA LEU B 155 -15.06 20.74 31.59
C LEU B 155 -15.97 19.82 32.40
N SER B 156 -17.14 19.43 31.86
CA SER B 156 -18.13 18.68 32.63
C SER B 156 -17.73 17.22 32.81
N THR B 157 -17.14 16.61 31.76
CA THR B 157 -16.75 15.20 31.81
C THR B 157 -15.47 15.07 32.63
N SER B 158 -14.79 16.19 32.83
CA SER B 158 -13.62 16.24 33.69
C SER B 158 -14.05 16.00 35.14
N GLY B 159 -13.16 15.40 35.94
CA GLY B 159 -13.39 15.24 37.37
C GLY B 159 -13.34 16.59 38.08
N THR B 160 -13.32 16.53 39.41
CA THR B 160 -13.50 17.70 40.27
C THR B 160 -12.32 18.65 40.14
N VAL B 161 -11.11 18.09 40.15
CA VAL B 161 -9.91 18.88 39.96
C VAL B 161 -9.76 19.13 38.46
N VAL B 162 -9.76 20.42 38.09
CA VAL B 162 -9.65 20.88 36.72
C VAL B 162 -8.42 21.79 36.64
N THR B 163 -7.65 21.67 35.56
CA THR B 163 -6.52 22.55 35.35
C THR B 163 -6.68 23.20 34.00
N ILE B 164 -6.64 24.54 33.97
CA ILE B 164 -6.80 25.32 32.75
C ILE B 164 -5.50 26.08 32.45
N THR B 165 -5.00 25.93 31.21
CA THR B 165 -3.83 26.63 30.67
C THR B 165 -4.30 27.80 29.78
N ILE B 166 -3.87 29.00 30.14
CA ILE B 166 -4.41 30.20 29.53
C ILE B 166 -3.25 31.04 29.01
N MET B 167 -3.58 32.01 28.17
CA MET B 167 -2.61 32.88 27.51
C MET B 167 -3.31 34.23 27.37
N PRO B 168 -2.58 35.35 27.57
CA PRO B 168 -3.13 36.67 27.31
C PRO B 168 -3.72 36.74 25.90
N ALA B 169 -4.88 37.38 25.80
CA ALA B 169 -5.68 37.29 24.58
C ALA B 169 -5.03 38.05 23.44
N PHE B 170 -4.29 39.10 23.78
N PHE B 170 -4.30 39.13 23.73
CA PHE B 170 -3.59 39.90 22.80
CA PHE B 170 -3.60 39.89 22.70
C PHE B 170 -2.53 39.03 22.13
C PHE B 170 -2.56 38.97 22.08
N ILE B 171 -1.90 38.15 22.90
CA ILE B 171 -0.82 37.30 22.43
C ILE B 171 -1.43 36.24 21.54
N PHE B 172 -2.49 35.59 22.08
CA PHE B 172 -3.24 34.55 21.39
C PHE B 172 -3.73 35.01 20.01
N GLU B 173 -4.27 36.23 19.91
CA GLU B 173 -4.75 36.76 18.64
C GLU B 173 -3.56 36.87 17.69
N HIS B 174 -2.39 37.13 18.26
CA HIS B 174 -1.17 37.32 17.49
C HIS B 174 -0.64 35.98 16.98
N ILE B 175 -0.70 34.93 17.79
CA ILE B 175 -0.09 33.65 17.43
C ILE B 175 -0.85 32.97 16.29
N ILE B 176 -2.19 33.17 16.28
CA ILE B 176 -3.08 32.45 15.38
C ILE B 176 -3.26 33.22 14.06
N LYS B 177 -2.61 34.39 13.93
CA LYS B 177 -2.52 35.10 12.66
C LYS B 177 -1.63 34.35 11.66
N ARG B 178 -1.81 34.67 10.37
CA ARG B 178 -1.19 33.95 9.27
C ARG B 178 -1.63 32.48 9.28
N MET B 179 -2.91 32.25 9.58
CA MET B 179 -3.46 30.91 9.58
C MET B 179 -4.99 31.01 9.54
N ALA B 180 -5.58 30.35 8.55
CA ALA B 180 -7.01 30.41 8.26
C ALA B 180 -7.77 29.47 9.19
N PRO B 181 -8.84 29.93 9.86
CA PRO B 181 -9.52 29.11 10.86
C PRO B 181 -9.91 27.69 10.43
N SER B 182 -10.06 27.47 9.12
CA SER B 182 -10.37 26.15 8.57
C SER B 182 -9.34 25.13 9.03
N ILE B 183 -8.07 25.49 8.82
CA ILE B 183 -6.89 24.74 9.20
C ILE B 183 -6.88 24.51 10.72
N MET B 184 -6.86 25.63 11.48
CA MET B 184 -6.82 25.65 12.93
C MET B 184 -7.99 24.81 13.51
N LYS B 185 -9.15 24.84 12.84
CA LYS B 185 -10.32 24.15 13.33
C LYS B 185 -10.30 22.66 12.98
N SER B 186 -9.58 22.26 11.93
CA SER B 186 -9.64 20.87 11.46
C SER B 186 -8.45 20.06 11.97
N LEU B 187 -7.23 20.62 11.86
CA LEU B 187 -5.99 19.88 11.97
C LEU B 187 -5.41 19.88 13.40
N MET B 188 -5.81 20.82 14.26
CA MET B 188 -5.15 21.04 15.55
C MET B 188 -5.32 19.81 16.44
N ASP B 189 -4.23 19.41 17.11
CA ASP B 189 -4.13 18.20 17.91
C ASP B 189 -4.97 18.39 19.16
N HIS B 190 -5.93 17.51 19.41
CA HIS B 190 -6.76 17.64 20.61
C HIS B 190 -6.65 16.35 21.40
N THR B 191 -5.46 15.74 21.33
CA THR B 191 -5.24 14.46 21.98
C THR B 191 -5.18 14.63 23.50
N ILE B 192 -5.69 13.62 24.21
CA ILE B 192 -5.60 13.62 25.66
C ILE B 192 -4.19 13.14 26.03
N PRO B 193 -3.56 13.73 27.08
CA PRO B 193 -2.24 13.30 27.56
C PRO B 193 -2.08 11.81 27.95
N GLU B 194 -1.11 11.16 27.28
CA GLU B 194 -0.77 9.77 27.50
C GLU B 194 0.32 9.74 28.57
N VAL B 195 0.58 8.57 29.16
CA VAL B 195 1.77 8.40 29.97
C VAL B 195 2.54 7.15 29.52
N ALA C 3 17.60 -18.78 -18.23
CA ALA C 3 16.88 -18.22 -17.07
C ALA C 3 17.61 -16.99 -16.53
N GLU C 4 18.95 -17.09 -16.44
CA GLU C 4 19.79 -16.12 -15.72
C GLU C 4 20.21 -15.00 -16.66
N ILE C 5 19.93 -13.74 -16.26
CA ILE C 5 19.95 -12.56 -17.14
C ILE C 5 21.36 -12.00 -17.25
N LYS C 6 21.89 -11.92 -18.47
CA LYS C 6 23.25 -11.47 -18.74
C LYS C 6 23.31 -9.93 -18.69
N GLN C 7 24.53 -9.41 -18.44
CA GLN C 7 24.84 -7.98 -18.40
C GLN C 7 25.78 -7.65 -19.57
N GLY C 8 25.30 -8.00 -20.76
CA GLY C 8 26.08 -7.90 -21.97
C GLY C 8 25.19 -8.08 -23.21
N ILE C 9 25.83 -7.88 -24.34
CA ILE C 9 25.17 -7.80 -25.62
C ILE C 9 25.72 -8.94 -26.47
N ARG C 10 24.87 -9.86 -26.91
CA ARG C 10 25.32 -10.91 -27.81
C ARG C 10 24.85 -10.58 -29.22
N GLU C 11 25.41 -11.31 -30.21
CA GLU C 11 24.99 -11.23 -31.60
C GLU C 11 24.34 -12.57 -31.95
N VAL C 12 23.39 -12.56 -32.90
CA VAL C 12 22.75 -13.77 -33.40
C VAL C 12 22.68 -13.68 -34.92
N ILE C 13 22.77 -14.87 -35.53
CA ILE C 13 22.67 -15.06 -36.98
C ILE C 13 21.38 -15.86 -37.22
N LEU C 14 20.53 -15.39 -38.15
CA LEU C 14 19.22 -15.97 -38.45
C LEU C 14 19.03 -16.18 -39.95
N CYS C 15 18.30 -17.25 -40.30
CA CYS C 15 17.83 -17.50 -41.66
C CYS C 15 16.31 -17.70 -41.64
N LYS C 16 15.64 -17.12 -42.65
CA LYS C 16 14.20 -17.22 -42.75
C LYS C 16 13.83 -18.66 -43.06
N ASP C 17 12.71 -19.15 -42.50
CA ASP C 17 12.30 -20.53 -42.71
C ASP C 17 11.79 -20.67 -44.15
N GLN C 18 11.12 -21.78 -44.42
CA GLN C 18 10.61 -22.06 -45.75
C GLN C 18 9.58 -20.98 -46.11
N ASP C 19 8.75 -20.57 -45.11
CA ASP C 19 7.68 -19.60 -45.32
C ASP C 19 8.20 -18.15 -45.31
N GLY C 20 9.52 -17.96 -45.21
CA GLY C 20 10.16 -16.65 -45.28
C GLY C 20 10.03 -15.85 -43.97
N LYS C 21 9.86 -16.58 -42.86
CA LYS C 21 9.62 -15.98 -41.56
C LYS C 21 10.79 -16.31 -40.63
N ILE C 22 10.95 -15.48 -39.59
CA ILE C 22 11.83 -15.75 -38.47
C ILE C 22 11.03 -15.89 -37.18
N GLY C 23 9.77 -15.49 -37.18
CA GLY C 23 8.86 -15.88 -36.10
C GLY C 23 9.00 -14.99 -34.86
N LEU C 24 8.95 -13.67 -35.09
CA LEU C 24 9.17 -12.65 -34.08
C LEU C 24 8.04 -11.65 -34.13
N ARG C 25 7.79 -10.99 -33.00
CA ARG C 25 7.12 -9.70 -33.06
C ARG C 25 7.91 -8.72 -32.22
N LEU C 26 7.98 -7.49 -32.73
CA LEU C 26 8.84 -6.47 -32.18
C LEU C 26 7.95 -5.29 -31.83
N LYS C 27 8.32 -4.56 -30.76
CA LYS C 27 7.53 -3.44 -30.24
C LYS C 27 8.49 -2.29 -29.91
N SER C 28 8.03 -1.04 -30.13
CA SER C 28 8.79 0.16 -29.79
C SER C 28 8.50 0.52 -28.35
N ILE C 29 9.56 0.46 -27.53
CA ILE C 29 9.55 0.93 -26.15
C ILE C 29 10.72 1.90 -25.95
N ASP C 30 10.44 3.17 -25.61
CA ASP C 30 11.43 4.09 -25.08
C ASP C 30 12.52 4.34 -26.11
N ASN C 31 12.10 4.48 -27.37
CA ASN C 31 12.96 4.53 -28.55
C ASN C 31 13.92 3.34 -28.60
N GLY C 32 13.41 2.17 -28.19
CA GLY C 32 14.11 0.91 -28.33
C GLY C 32 13.24 -0.10 -29.07
N ILE C 33 13.85 -1.18 -29.59
CA ILE C 33 13.04 -2.23 -30.19
C ILE C 33 13.18 -3.49 -29.34
N PHE C 34 12.03 -4.07 -29.00
CA PHE C 34 11.95 -5.13 -28.02
C PHE C 34 11.16 -6.31 -28.57
N VAL C 35 11.64 -7.51 -28.31
CA VAL C 35 10.94 -8.73 -28.64
C VAL C 35 9.62 -8.79 -27.87
N GLN C 36 8.51 -8.62 -28.62
CA GLN C 36 7.16 -8.66 -28.07
C GLN C 36 6.65 -10.10 -27.95
N LEU C 37 7.03 -10.95 -28.92
CA LEU C 37 6.64 -12.36 -28.95
C LEU C 37 7.55 -13.16 -29.90
N VAL C 38 7.74 -14.45 -29.52
CA VAL C 38 8.62 -15.42 -30.16
C VAL C 38 7.82 -16.72 -30.32
N GLN C 39 7.81 -17.28 -31.55
CA GLN C 39 7.03 -18.49 -31.85
C GLN C 39 7.83 -19.76 -31.66
N ALA C 40 7.19 -20.81 -31.13
CA ALA C 40 7.84 -22.10 -30.91
C ALA C 40 8.38 -22.72 -32.22
N ASN C 41 9.51 -23.43 -32.09
N ASN C 41 9.50 -23.45 -32.10
CA ASN C 41 10.11 -24.18 -33.18
CA ASN C 41 10.13 -24.19 -33.20
C ASN C 41 10.50 -23.24 -34.33
C ASN C 41 10.51 -23.23 -34.34
N SER C 42 10.42 -21.92 -34.10
CA SER C 42 10.75 -20.94 -35.11
C SER C 42 12.26 -20.72 -35.14
N PRO C 43 12.81 -20.08 -36.20
CA PRO C 43 14.25 -19.78 -36.24
C PRO C 43 14.69 -18.78 -35.18
N ALA C 44 13.72 -18.09 -34.56
CA ALA C 44 14.01 -17.16 -33.48
C ALA C 44 14.18 -17.92 -32.16
N SER C 45 13.25 -18.80 -31.82
CA SER C 45 13.33 -19.57 -30.58
C SER C 45 14.61 -20.41 -30.60
N LEU C 46 14.91 -20.96 -31.79
CA LEU C 46 16.00 -21.91 -31.93
C LEU C 46 17.33 -21.19 -31.71
N VAL C 47 17.42 -19.95 -32.22
CA VAL C 47 18.65 -19.19 -32.17
C VAL C 47 18.77 -18.51 -30.80
N GLY C 48 17.67 -18.51 -30.03
CA GLY C 48 17.70 -18.28 -28.58
C GLY C 48 16.91 -17.06 -28.09
N LEU C 49 16.41 -16.21 -29.01
CA LEU C 49 15.74 -14.98 -28.64
C LEU C 49 14.55 -15.30 -27.73
N ARG C 50 14.28 -14.37 -26.80
CA ARG C 50 13.32 -14.57 -25.73
C ARG C 50 12.48 -13.32 -25.62
N PHE C 51 11.23 -13.50 -25.20
CA PHE C 51 10.35 -12.39 -24.95
C PHE C 51 11.06 -11.41 -24.03
N GLY C 52 11.07 -10.14 -24.44
CA GLY C 52 11.59 -9.08 -23.60
C GLY C 52 13.01 -8.68 -24.00
N ASP C 53 13.59 -9.39 -24.98
CA ASP C 53 14.95 -9.11 -25.44
C ASP C 53 14.92 -7.75 -26.15
N GLN C 54 16.01 -6.99 -26.08
CA GLN C 54 16.14 -5.72 -26.80
C GLN C 54 17.00 -5.93 -28.03
N VAL C 55 16.45 -5.54 -29.19
CA VAL C 55 17.18 -5.50 -30.46
C VAL C 55 17.81 -4.12 -30.65
N LEU C 56 19.15 -4.11 -30.64
CA LEU C 56 19.94 -2.91 -30.84
C LEU C 56 20.16 -2.67 -32.34
N GLN C 57 20.59 -3.70 -33.08
CA GLN C 57 20.91 -3.58 -34.50
C GLN C 57 20.33 -4.78 -35.27
N ILE C 58 20.05 -4.54 -36.55
CA ILE C 58 19.57 -5.55 -37.48
C ILE C 58 20.31 -5.35 -38.78
N ASN C 59 21.27 -6.24 -39.06
CA ASN C 59 22.15 -6.14 -40.21
C ASN C 59 22.97 -4.86 -40.05
N GLY C 60 23.28 -4.52 -38.78
CA GLY C 60 24.25 -3.49 -38.46
C GLY C 60 23.71 -2.07 -38.66
N GLU C 61 22.39 -1.93 -38.70
CA GLU C 61 21.75 -0.63 -38.63
C GLU C 61 21.23 -0.45 -37.22
N ASN C 62 21.36 0.74 -36.65
CA ASN C 62 20.85 1.01 -35.31
C ASN C 62 19.32 0.93 -35.32
N CYS C 63 18.78 0.17 -34.38
CA CYS C 63 17.34 0.03 -34.25
C CYS C 63 16.76 1.27 -33.58
N ALA C 64 17.56 1.96 -32.76
CA ALA C 64 17.02 2.98 -31.88
C ALA C 64 16.23 4.03 -32.68
N GLY C 65 15.12 4.44 -32.06
CA GLY C 65 14.21 5.40 -32.65
C GLY C 65 13.15 4.74 -33.54
N TRP C 66 13.39 3.50 -34.03
CA TRP C 66 12.50 2.89 -35.01
C TRP C 66 11.11 2.68 -34.42
N SER C 67 10.17 2.52 -35.33
CA SER C 67 8.81 2.18 -34.96
C SER C 67 8.65 0.66 -35.08
N SER C 68 7.62 0.18 -34.42
CA SER C 68 7.28 -1.22 -34.47
C SER C 68 7.08 -1.64 -35.93
N ASP C 69 6.45 -0.78 -36.74
CA ASP C 69 6.14 -1.13 -38.12
C ASP C 69 7.43 -1.18 -38.92
N LYS C 70 8.37 -0.29 -38.58
CA LYS C 70 9.59 -0.17 -39.36
C LYS C 70 10.49 -1.38 -39.13
N ALA C 71 10.55 -1.87 -37.89
CA ALA C 71 11.34 -3.07 -37.61
C ALA C 71 10.80 -4.22 -38.46
N HIS C 72 9.47 -4.35 -38.44
CA HIS C 72 8.77 -5.37 -39.20
C HIS C 72 9.08 -5.20 -40.69
N LYS C 73 8.75 -4.03 -41.24
CA LYS C 73 9.07 -3.73 -42.62
C LYS C 73 10.52 -4.12 -42.91
N VAL C 74 11.48 -3.76 -42.04
CA VAL C 74 12.89 -3.93 -42.37
C VAL C 74 13.20 -5.41 -42.49
N LEU C 75 12.62 -6.18 -41.57
CA LEU C 75 12.86 -7.61 -41.51
C LEU C 75 12.26 -8.27 -42.74
N LYS C 76 10.97 -8.04 -43.01
CA LYS C 76 10.28 -8.58 -44.18
C LYS C 76 11.09 -8.33 -45.45
N GLN C 77 11.84 -7.23 -45.53
CA GLN C 77 12.61 -6.92 -46.73
C GLN C 77 13.98 -7.58 -46.74
N ALA C 78 14.32 -8.32 -45.68
CA ALA C 78 15.69 -8.75 -45.47
C ALA C 78 15.91 -10.07 -46.20
N PHE C 79 16.71 -9.98 -47.27
CA PHE C 79 17.03 -11.13 -48.10
C PHE C 79 18.50 -11.05 -48.44
N GLY C 80 19.15 -12.22 -48.43
CA GLY C 80 20.57 -12.32 -48.68
C GLY C 80 21.25 -13.08 -47.55
N GLU C 81 21.13 -14.41 -47.59
CA GLU C 81 21.92 -15.32 -46.79
C GLU C 81 21.43 -15.26 -45.34
N LYS C 82 21.93 -14.29 -44.57
CA LYS C 82 21.76 -14.28 -43.13
C LYS C 82 21.11 -12.98 -42.67
N ILE C 83 20.49 -13.05 -41.49
CA ILE C 83 20.08 -11.86 -40.78
C ILE C 83 20.86 -11.80 -39.48
N THR C 84 21.56 -10.70 -39.27
CA THR C 84 22.30 -10.46 -38.04
C THR C 84 21.46 -9.52 -37.19
N MET C 85 21.26 -9.87 -35.91
CA MET C 85 20.63 -8.98 -34.94
C MET C 85 21.57 -8.88 -33.75
N THR C 86 21.74 -7.69 -33.16
CA THR C 86 22.51 -7.58 -31.95
C THR C 86 21.60 -7.32 -30.75
N ILE C 87 21.63 -8.26 -29.80
CA ILE C 87 20.61 -8.37 -28.78
C ILE C 87 21.16 -7.88 -27.45
N ARG C 88 20.30 -7.44 -26.55
CA ARG C 88 20.69 -7.25 -25.16
C ARG C 88 19.69 -8.02 -24.32
N ASP C 89 20.18 -8.77 -23.34
CA ASP C 89 19.37 -9.74 -22.62
C ASP C 89 18.26 -9.05 -21.80
N ARG C 90 17.01 -9.35 -22.10
CA ARG C 90 15.85 -9.01 -21.27
C ARG C 90 16.14 -7.92 -20.24
N PRO C 91 16.34 -6.65 -20.68
CA PRO C 91 16.78 -5.57 -19.80
C PRO C 91 15.79 -5.07 -18.77
N PHE C 92 14.52 -5.44 -18.99
CA PHE C 92 13.45 -4.97 -18.14
C PHE C 92 13.20 -5.99 -17.05
N GLU C 93 13.77 -7.19 -17.21
CA GLU C 93 13.46 -8.30 -16.32
C GLU C 93 14.59 -8.52 -15.31
N ARG C 94 14.23 -9.08 -14.14
N ARG C 94 14.25 -9.10 -14.15
CA ARG C 94 15.19 -9.66 -13.19
CA ARG C 94 15.23 -9.66 -13.22
C ARG C 94 14.77 -11.09 -12.83
C ARG C 94 14.77 -11.05 -12.76
N THR C 95 15.73 -11.90 -12.36
CA THR C 95 15.42 -13.26 -11.90
C THR C 95 15.56 -13.37 -10.38
N ILE C 96 14.71 -14.17 -9.75
CA ILE C 96 14.72 -14.29 -8.29
C ILE C 96 14.71 -15.77 -7.99
N THR C 97 15.62 -16.22 -7.11
CA THR C 97 15.74 -17.62 -6.77
C THR C 97 15.30 -17.88 -5.31
N MET C 98 14.44 -18.87 -5.14
CA MET C 98 13.68 -19.07 -3.91
C MET C 98 13.57 -20.56 -3.58
N HIS C 99 13.66 -20.90 -2.29
CA HIS C 99 13.58 -22.27 -1.81
C HIS C 99 12.17 -22.46 -1.24
N LYS C 100 11.44 -23.48 -1.72
CA LYS C 100 10.09 -23.73 -1.21
C LYS C 100 10.18 -24.01 0.28
N ASP C 101 9.07 -23.70 0.98
CA ASP C 101 8.88 -24.08 2.37
C ASP C 101 8.74 -25.60 2.47
N SER C 102 8.30 -26.08 3.62
CA SER C 102 8.06 -27.49 3.83
C SER C 102 6.75 -27.94 3.19
N THR C 103 5.74 -27.05 3.17
CA THR C 103 4.44 -27.40 2.60
C THR C 103 4.51 -27.46 1.07
N GLY C 104 5.53 -26.84 0.49
CA GLY C 104 5.78 -26.90 -0.95
C GLY C 104 5.37 -25.62 -1.68
N HIS C 105 5.53 -24.48 -1.00
CA HIS C 105 5.13 -23.16 -1.49
C HIS C 105 6.31 -22.20 -1.40
N VAL C 106 6.34 -21.22 -2.30
CA VAL C 106 7.43 -20.24 -2.35
C VAL C 106 7.13 -19.09 -1.39
N GLY C 107 5.85 -18.70 -1.35
CA GLY C 107 5.33 -17.72 -0.42
C GLY C 107 4.88 -16.43 -1.10
N PHE C 108 4.07 -16.60 -2.16
CA PHE C 108 3.49 -15.46 -2.86
C PHE C 108 2.17 -15.85 -3.50
N ILE C 109 1.48 -14.84 -4.04
CA ILE C 109 0.18 -14.95 -4.64
C ILE C 109 0.18 -14.06 -5.87
N PHE C 110 -0.65 -14.43 -6.85
CA PHE C 110 -0.63 -13.77 -8.14
C PHE C 110 -1.99 -13.95 -8.82
N LYS C 111 -2.22 -13.14 -9.86
CA LYS C 111 -3.47 -13.05 -10.59
C LYS C 111 -3.15 -12.47 -11.97
N ASN C 112 -3.48 -13.22 -13.03
CA ASN C 112 -3.20 -12.86 -14.43
C ASN C 112 -1.69 -12.72 -14.65
N GLY C 113 -0.90 -13.57 -14.00
CA GLY C 113 0.55 -13.54 -14.19
C GLY C 113 1.23 -12.50 -13.31
N LYS C 114 0.46 -11.55 -12.78
CA LYS C 114 0.98 -10.46 -11.98
C LYS C 114 0.98 -10.88 -10.52
N ILE C 115 2.13 -10.75 -9.87
CA ILE C 115 2.29 -11.05 -8.46
C ILE C 115 1.57 -9.96 -7.65
N THR C 116 0.78 -10.38 -6.65
CA THR C 116 -0.14 -9.47 -6.00
C THR C 116 0.00 -9.39 -4.48
N SER C 117 0.58 -10.44 -3.86
CA SER C 117 0.79 -10.44 -2.40
C SER C 117 2.01 -11.26 -2.05
N ILE C 118 2.72 -10.85 -1.01
CA ILE C 118 3.86 -11.61 -0.57
C ILE C 118 3.58 -12.13 0.83
N VAL C 119 3.92 -13.39 1.06
CA VAL C 119 3.68 -13.98 2.36
C VAL C 119 4.79 -13.49 3.29
N LYS C 120 4.43 -13.19 4.55
CA LYS C 120 5.43 -12.93 5.56
C LYS C 120 6.28 -14.20 5.75
N ASP C 121 7.56 -14.02 6.10
CA ASP C 121 8.45 -15.14 6.43
C ASP C 121 8.32 -16.27 5.40
N SER C 122 8.53 -15.89 4.13
CA SER C 122 8.63 -16.83 3.02
C SER C 122 9.92 -16.53 2.28
N SER C 123 10.36 -17.45 1.41
CA SER C 123 11.58 -17.22 0.65
C SER C 123 11.40 -16.03 -0.30
N ALA C 124 10.20 -15.88 -0.86
CA ALA C 124 9.84 -14.64 -1.54
C ALA C 124 10.34 -13.44 -0.75
N ALA C 125 9.89 -13.36 0.49
CA ALA C 125 10.13 -12.19 1.31
C ALA C 125 11.63 -12.05 1.57
N ARG C 126 12.28 -13.16 1.96
CA ARG C 126 13.69 -13.11 2.32
C ARG C 126 14.52 -12.67 1.12
N ASN C 127 13.94 -12.80 -0.08
CA ASN C 127 14.63 -12.48 -1.33
C ASN C 127 13.99 -11.28 -2.05
N GLY C 128 13.00 -10.62 -1.46
CA GLY C 128 12.49 -9.37 -2.01
C GLY C 128 11.87 -9.55 -3.41
N LEU C 129 10.97 -10.52 -3.51
CA LEU C 129 10.02 -10.54 -4.60
C LEU C 129 9.06 -9.36 -4.44
N LEU C 130 8.66 -8.77 -5.56
CA LEU C 130 7.89 -7.54 -5.55
C LEU C 130 6.50 -7.77 -6.13
N THR C 131 5.50 -7.10 -5.54
CA THR C 131 4.16 -7.11 -6.10
C THR C 131 4.21 -6.18 -7.30
N GLU C 132 3.13 -6.23 -8.09
CA GLU C 132 2.96 -5.36 -9.24
C GLU C 132 4.07 -5.66 -10.26
N HIS C 133 4.33 -6.95 -10.45
CA HIS C 133 5.29 -7.41 -11.44
C HIS C 133 4.75 -8.69 -12.07
N ASN C 134 4.87 -8.81 -13.39
CA ASN C 134 4.35 -9.95 -14.13
C ASN C 134 5.40 -11.05 -14.24
N ILE C 135 4.98 -12.31 -14.07
CA ILE C 135 5.90 -13.43 -14.21
C ILE C 135 6.09 -13.71 -15.68
N CYS C 136 7.35 -13.62 -16.16
CA CYS C 136 7.70 -13.88 -17.54
C CYS C 136 8.16 -15.31 -17.77
N GLU C 137 9.00 -15.80 -16.86
CA GLU C 137 9.61 -17.10 -17.02
C GLU C 137 9.69 -17.74 -15.65
N ILE C 138 9.60 -19.08 -15.63
CA ILE C 138 9.94 -19.90 -14.48
C ILE C 138 11.03 -20.88 -14.87
N ASN C 139 12.11 -20.90 -14.10
CA ASN C 139 13.24 -21.75 -14.41
C ASN C 139 13.55 -21.65 -15.90
N GLY C 140 13.39 -20.45 -16.48
CA GLY C 140 13.79 -20.19 -17.85
C GLY C 140 12.79 -20.76 -18.85
N GLN C 141 11.58 -21.03 -18.38
CA GLN C 141 10.49 -21.36 -19.29
C GLN C 141 9.61 -20.12 -19.43
N ASN C 142 9.45 -19.63 -20.67
CA ASN C 142 8.49 -18.56 -20.91
C ASN C 142 7.09 -19.05 -20.53
N VAL C 143 6.34 -18.25 -19.75
CA VAL C 143 5.00 -18.66 -19.34
C VAL C 143 3.99 -17.56 -19.68
N ILE C 144 4.33 -16.73 -20.67
CA ILE C 144 3.52 -15.56 -20.97
C ILE C 144 2.34 -15.99 -21.85
N GLY C 145 1.14 -15.94 -21.27
CA GLY C 145 -0.07 -16.30 -22.00
C GLY C 145 -0.70 -17.58 -21.44
N LEU C 146 0.09 -18.33 -20.67
CA LEU C 146 -0.42 -19.50 -19.99
C LEU C 146 -1.45 -19.03 -18.95
N LYS C 147 -2.46 -19.83 -18.65
CA LYS C 147 -3.49 -19.43 -17.69
C LYS C 147 -2.80 -19.34 -16.34
N ASP C 148 -3.48 -18.75 -15.35
CA ASP C 148 -2.96 -18.75 -14.00
C ASP C 148 -2.73 -20.19 -13.57
N SER C 149 -3.72 -21.04 -13.91
CA SER C 149 -3.71 -22.45 -13.49
C SER C 149 -2.49 -23.17 -14.05
N GLN C 150 -2.11 -22.91 -15.30
CA GLN C 150 -0.98 -23.64 -15.87
C GLN C 150 0.27 -23.18 -15.13
N ILE C 151 0.37 -21.87 -14.92
CA ILE C 151 1.47 -21.27 -14.21
C ILE C 151 1.69 -21.99 -12.89
N ALA C 152 0.61 -22.17 -12.15
CA ALA C 152 0.67 -22.77 -10.82
C ALA C 152 1.14 -24.22 -10.92
N ASP C 153 0.59 -24.97 -11.88
CA ASP C 153 0.95 -26.36 -12.04
C ASP C 153 2.46 -26.44 -12.24
N ILE C 154 3.00 -25.54 -13.06
CA ILE C 154 4.43 -25.51 -13.31
C ILE C 154 5.19 -25.22 -12.02
N LEU C 155 4.56 -24.48 -11.09
CA LEU C 155 5.23 -24.13 -9.86
C LEU C 155 5.39 -25.35 -8.95
N SER C 156 4.40 -26.25 -8.93
CA SER C 156 4.54 -27.46 -8.13
C SER C 156 5.50 -28.43 -8.80
N THR C 157 5.42 -28.58 -10.13
CA THR C 157 6.30 -29.50 -10.85
C THR C 157 7.78 -29.07 -10.77
N SER C 158 8.04 -27.80 -10.42
CA SER C 158 9.42 -27.36 -10.27
C SER C 158 10.02 -27.96 -9.01
N GLY C 159 11.35 -27.80 -8.90
CA GLY C 159 12.08 -28.36 -7.79
C GLY C 159 11.73 -27.69 -6.47
N THR C 160 12.49 -28.03 -5.42
CA THR C 160 12.38 -27.26 -4.19
C THR C 160 12.95 -25.87 -4.44
N VAL C 161 13.81 -25.74 -5.48
CA VAL C 161 14.49 -24.49 -5.78
C VAL C 161 13.96 -23.91 -7.09
N VAL C 162 13.26 -22.77 -6.99
CA VAL C 162 12.51 -22.19 -8.08
C VAL C 162 13.13 -20.84 -8.43
N THR C 163 13.03 -20.47 -9.71
CA THR C 163 13.67 -19.27 -10.22
C THR C 163 12.68 -18.50 -11.09
N ILE C 164 12.17 -17.37 -10.59
CA ILE C 164 11.14 -16.61 -11.31
C ILE C 164 11.78 -15.41 -11.98
N THR C 165 11.46 -15.21 -13.26
CA THR C 165 11.89 -14.01 -13.94
C THR C 165 10.74 -13.03 -13.94
N ILE C 166 10.96 -11.82 -13.41
CA ILE C 166 9.88 -10.88 -13.25
C ILE C 166 10.19 -9.63 -14.06
N MET C 167 9.10 -8.91 -14.41
CA MET C 167 9.11 -7.62 -15.10
C MET C 167 8.13 -6.66 -14.40
N PRO C 168 8.49 -5.37 -14.20
CA PRO C 168 7.55 -4.36 -13.69
C PRO C 168 6.28 -4.31 -14.53
N ALA C 169 5.16 -4.40 -13.81
CA ALA C 169 3.89 -4.62 -14.46
C ALA C 169 3.63 -3.59 -15.56
N PHE C 170 3.88 -2.31 -15.30
N PHE C 170 3.86 -2.30 -15.29
CA PHE C 170 3.52 -1.26 -16.25
CA PHE C 170 3.54 -1.23 -16.24
C PHE C 170 4.35 -1.37 -17.51
C PHE C 170 4.34 -1.42 -17.53
N ILE C 171 5.56 -1.95 -17.41
CA ILE C 171 6.40 -2.18 -18.58
C ILE C 171 5.88 -3.39 -19.33
N PHE C 172 5.55 -4.47 -18.60
CA PHE C 172 4.94 -5.65 -19.19
C PHE C 172 3.73 -5.28 -20.05
N GLU C 173 2.90 -4.40 -19.47
CA GLU C 173 1.63 -4.01 -20.04
C GLU C 173 1.84 -3.32 -21.38
N HIS C 174 2.92 -2.54 -21.46
CA HIS C 174 3.21 -1.75 -22.64
C HIS C 174 3.83 -2.62 -23.73
N ILE C 175 4.48 -3.73 -23.35
CA ILE C 175 5.11 -4.61 -24.33
C ILE C 175 4.04 -5.42 -25.07
N ILE C 176 2.94 -5.75 -24.40
CA ILE C 176 1.96 -6.63 -25.00
C ILE C 176 0.84 -5.83 -25.70
N LYS C 177 0.99 -4.50 -25.81
CA LYS C 177 0.18 -3.66 -26.68
C LYS C 177 0.49 -3.95 -28.14
N ARG C 178 -0.50 -3.75 -29.04
CA ARG C 178 -0.44 -4.12 -30.45
C ARG C 178 -0.47 -5.64 -30.62
N MET C 179 -1.04 -6.33 -29.62
CA MET C 179 -1.07 -7.78 -29.62
C MET C 179 -2.27 -8.22 -28.78
N ALA C 180 -3.15 -9.01 -29.41
CA ALA C 180 -4.37 -9.50 -28.77
C ALA C 180 -4.06 -10.73 -27.93
N PRO C 181 -4.79 -10.97 -26.82
CA PRO C 181 -4.50 -12.12 -25.93
C PRO C 181 -4.60 -13.51 -26.57
N SER C 182 -5.43 -13.61 -27.60
CA SER C 182 -5.66 -14.84 -28.35
C SER C 182 -4.42 -15.27 -29.12
N ILE C 183 -3.69 -14.28 -29.66
CA ILE C 183 -2.46 -14.51 -30.42
C ILE C 183 -1.32 -14.87 -29.47
N MET C 184 -1.32 -14.25 -28.30
CA MET C 184 -0.21 -14.38 -27.38
C MET C 184 -0.25 -15.78 -26.78
N LYS C 185 -1.42 -16.21 -26.30
CA LYS C 185 -1.55 -17.53 -25.68
C LYS C 185 -1.30 -18.65 -26.70
N SER C 186 -1.63 -18.41 -27.98
CA SER C 186 -1.53 -19.44 -28.99
C SER C 186 -0.09 -19.63 -29.45
N LEU C 187 0.60 -18.55 -29.88
CA LEU C 187 1.86 -18.59 -30.64
C LEU C 187 3.11 -18.56 -29.75
N MET C 188 3.02 -17.90 -28.58
CA MET C 188 4.16 -17.60 -27.74
C MET C 188 4.89 -18.88 -27.36
N ASP C 189 6.16 -18.98 -27.78
CA ASP C 189 7.06 -20.07 -27.43
C ASP C 189 7.06 -20.30 -25.91
N HIS C 190 6.73 -21.53 -25.48
CA HIS C 190 6.80 -21.92 -24.08
C HIS C 190 7.66 -23.17 -23.98
N THR C 191 8.64 -23.26 -24.88
CA THR C 191 9.57 -24.37 -24.99
C THR C 191 10.33 -24.53 -23.68
N ILE C 192 10.62 -25.78 -23.31
CA ILE C 192 11.79 -26.06 -22.50
C ILE C 192 12.95 -26.30 -23.46
N PRO C 193 13.95 -25.39 -23.54
CA PRO C 193 14.98 -25.47 -24.58
C PRO C 193 15.83 -26.73 -24.45
N GLU C 194 16.54 -26.81 -23.31
CA GLU C 194 17.42 -27.93 -22.99
C GLU C 194 16.98 -28.43 -21.62
N VAL C 195 17.56 -29.53 -21.16
CA VAL C 195 17.23 -30.06 -19.85
C VAL C 195 18.51 -30.52 -19.16
N ILE D 5 -27.81 -28.80 5.26
CA ILE D 5 -29.29 -28.78 5.51
C ILE D 5 -29.74 -30.16 6.00
N LYS D 6 -30.39 -30.22 7.18
CA LYS D 6 -30.90 -31.48 7.74
C LYS D 6 -32.29 -31.77 7.16
N GLN D 7 -32.86 -32.93 7.51
CA GLN D 7 -34.20 -33.34 7.09
C GLN D 7 -34.99 -33.86 8.29
N GLY D 8 -36.29 -33.59 8.29
CA GLY D 8 -37.09 -33.73 9.48
C GLY D 8 -37.10 -32.42 10.26
N ILE D 9 -37.55 -32.51 11.50
CA ILE D 9 -38.05 -31.37 12.25
C ILE D 9 -37.21 -31.27 13.53
N ARG D 10 -37.33 -30.16 14.29
CA ARG D 10 -36.70 -30.05 15.60
C ARG D 10 -37.36 -28.97 16.48
N GLU D 11 -37.65 -29.34 17.74
CA GLU D 11 -38.12 -28.41 18.76
C GLU D 11 -36.94 -27.57 19.24
N VAL D 12 -37.14 -26.25 19.41
CA VAL D 12 -36.20 -25.42 20.13
C VAL D 12 -36.97 -24.61 21.16
N ILE D 13 -36.37 -24.46 22.34
CA ILE D 13 -36.92 -23.67 23.44
C ILE D 13 -36.02 -22.47 23.66
N LEU D 14 -36.65 -21.30 23.76
CA LEU D 14 -35.92 -20.08 24.02
C LEU D 14 -36.66 -19.33 25.13
N CYS D 15 -36.06 -18.24 25.57
CA CYS D 15 -36.62 -17.35 26.57
C CYS D 15 -36.30 -15.92 26.17
N LYS D 16 -37.26 -15.00 26.39
CA LYS D 16 -37.10 -13.64 25.90
C LYS D 16 -35.86 -13.02 26.54
N ASP D 17 -35.46 -11.83 26.10
CA ASP D 17 -34.35 -11.16 26.76
C ASP D 17 -34.92 -10.14 27.76
N GLN D 18 -34.04 -9.30 28.30
CA GLN D 18 -34.39 -8.20 29.20
C GLN D 18 -35.47 -7.32 28.57
N ASP D 19 -35.24 -6.98 27.29
CA ASP D 19 -36.10 -6.05 26.58
C ASP D 19 -37.40 -6.72 26.16
N GLY D 20 -37.43 -8.07 26.16
CA GLY D 20 -38.60 -8.84 25.78
C GLY D 20 -38.49 -9.43 24.37
N LYS D 21 -37.31 -9.29 23.76
CA LYS D 21 -37.10 -9.58 22.36
C LYS D 21 -36.38 -10.92 22.27
N ILE D 22 -36.74 -11.74 21.26
CA ILE D 22 -36.04 -12.98 20.92
C ILE D 22 -35.19 -12.86 19.65
N GLY D 23 -35.04 -11.65 19.08
CA GLY D 23 -34.14 -11.42 17.95
C GLY D 23 -34.54 -12.15 16.65
N LEU D 24 -35.80 -12.00 16.23
CA LEU D 24 -36.34 -12.62 15.02
C LEU D 24 -37.15 -11.61 14.21
N ARG D 25 -37.15 -11.83 12.89
CA ARG D 25 -38.18 -11.36 11.99
C ARG D 25 -38.72 -12.53 11.17
N LEU D 26 -39.99 -12.47 10.79
CA LEU D 26 -40.61 -13.60 10.14
C LEU D 26 -41.25 -13.11 8.85
N LYS D 27 -41.55 -14.08 7.95
CA LYS D 27 -42.17 -13.74 6.68
C LYS D 27 -43.07 -14.88 6.19
N SER D 28 -44.20 -14.50 5.59
CA SER D 28 -45.18 -15.45 5.07
C SER D 28 -44.77 -15.82 3.67
N ILE D 29 -44.62 -17.12 3.44
CA ILE D 29 -44.26 -17.63 2.13
C ILE D 29 -45.07 -18.91 1.89
N ASP D 30 -45.95 -18.87 0.89
CA ASP D 30 -46.62 -20.09 0.42
C ASP D 30 -47.44 -20.70 1.56
N ASN D 31 -47.98 -19.83 2.44
CA ASN D 31 -48.79 -20.22 3.60
C ASN D 31 -47.89 -20.87 4.68
N GLY D 32 -46.57 -20.61 4.61
CA GLY D 32 -45.63 -20.98 5.66
C GLY D 32 -45.17 -19.76 6.47
N ILE D 33 -44.44 -20.02 7.56
CA ILE D 33 -43.72 -18.94 8.24
C ILE D 33 -42.24 -19.27 8.25
N PHE D 34 -41.42 -18.26 7.91
CA PHE D 34 -40.00 -18.41 7.66
C PHE D 34 -39.17 -17.31 8.30
N VAL D 35 -37.96 -17.67 8.76
CA VAL D 35 -37.06 -16.71 9.38
C VAL D 35 -36.48 -15.80 8.30
N GLN D 36 -36.94 -14.55 8.34
CA GLN D 36 -36.46 -13.51 7.45
C GLN D 36 -35.15 -12.91 7.97
N LEU D 37 -34.89 -13.06 9.30
CA LEU D 37 -33.70 -12.50 9.94
C LEU D 37 -33.50 -13.06 11.35
N VAL D 38 -32.20 -13.18 11.75
CA VAL D 38 -31.75 -13.50 13.11
C VAL D 38 -30.74 -12.45 13.59
N GLN D 39 -30.90 -11.98 14.84
CA GLN D 39 -30.02 -10.98 15.45
C GLN D 39 -28.77 -11.64 16.06
N ALA D 40 -27.60 -11.09 15.72
CA ALA D 40 -26.35 -11.53 16.32
C ALA D 40 -26.45 -11.34 17.83
N ASN D 41 -26.22 -12.43 18.56
CA ASN D 41 -26.34 -12.43 20.01
C ASN D 41 -27.81 -12.22 20.35
N SER D 42 -28.64 -13.16 19.87
CA SER D 42 -30.05 -13.18 20.20
C SER D 42 -30.37 -14.49 20.91
N PRO D 43 -31.53 -14.60 21.60
CA PRO D 43 -32.03 -15.91 22.05
C PRO D 43 -32.49 -16.83 20.92
N ALA D 44 -32.64 -16.26 19.72
CA ALA D 44 -32.84 -17.03 18.50
C ALA D 44 -31.56 -17.74 18.11
N SER D 45 -30.45 -16.98 17.95
CA SER D 45 -29.14 -17.50 17.55
C SER D 45 -28.65 -18.62 18.47
N LEU D 46 -28.70 -18.37 19.78
CA LEU D 46 -28.11 -19.26 20.77
C LEU D 46 -28.85 -20.61 20.83
N VAL D 47 -30.08 -20.72 20.31
CA VAL D 47 -30.68 -22.04 20.15
C VAL D 47 -30.49 -22.56 18.72
N GLY D 48 -29.86 -21.74 17.85
CA GLY D 48 -29.47 -22.14 16.50
C GLY D 48 -30.58 -22.03 15.45
N LEU D 49 -31.33 -20.94 15.49
CA LEU D 49 -32.15 -20.54 14.37
C LEU D 49 -31.24 -19.84 13.35
N ARG D 50 -31.60 -20.00 12.05
CA ARG D 50 -30.88 -19.39 10.94
C ARG D 50 -31.85 -18.88 9.89
N PHE D 51 -31.41 -17.83 9.17
CA PHE D 51 -32.16 -17.30 8.05
C PHE D 51 -32.80 -18.42 7.23
N GLY D 52 -34.08 -18.26 6.89
CA GLY D 52 -34.76 -19.17 5.99
C GLY D 52 -35.25 -20.46 6.65
N ASP D 53 -35.25 -20.50 8.00
CA ASP D 53 -35.75 -21.65 8.71
C ASP D 53 -37.27 -21.56 8.69
N GLN D 54 -37.97 -22.70 8.61
CA GLN D 54 -39.43 -22.74 8.65
C GLN D 54 -39.90 -22.96 10.09
N VAL D 55 -40.81 -22.10 10.57
CA VAL D 55 -41.42 -22.22 11.89
C VAL D 55 -42.79 -22.82 11.70
N LEU D 56 -43.01 -24.00 12.27
CA LEU D 56 -44.19 -24.80 12.00
C LEU D 56 -45.26 -24.52 13.06
N GLN D 57 -44.82 -24.62 14.32
CA GLN D 57 -45.60 -24.27 15.49
C GLN D 57 -44.88 -23.18 16.28
N ILE D 58 -45.66 -22.38 17.02
CA ILE D 58 -45.13 -21.60 18.12
C ILE D 58 -45.97 -21.92 19.35
N ASN D 59 -45.29 -22.37 20.39
CA ASN D 59 -45.94 -22.85 21.60
C ASN D 59 -47.14 -23.69 21.22
N GLY D 60 -46.98 -24.58 20.23
CA GLY D 60 -47.96 -25.63 19.98
C GLY D 60 -48.94 -25.23 18.89
N GLU D 61 -49.19 -23.92 18.76
CA GLU D 61 -50.10 -23.39 17.75
C GLU D 61 -49.43 -23.49 16.39
N ASN D 62 -50.11 -24.16 15.44
CA ASN D 62 -49.70 -24.21 14.05
C ASN D 62 -49.59 -22.83 13.41
N CYS D 63 -48.48 -22.58 12.72
CA CYS D 63 -48.25 -21.28 12.12
C CYS D 63 -48.85 -21.22 10.72
N ALA D 64 -49.31 -22.36 10.20
CA ALA D 64 -49.77 -22.45 8.82
C ALA D 64 -50.76 -21.34 8.47
N GLY D 65 -50.42 -20.62 7.39
CA GLY D 65 -51.29 -19.61 6.82
C GLY D 65 -51.46 -18.40 7.72
N TRP D 66 -50.42 -18.00 8.47
CA TRP D 66 -50.43 -16.77 9.26
C TRP D 66 -49.81 -15.67 8.43
N SER D 67 -50.26 -14.43 8.61
CA SER D 67 -49.54 -13.32 8.01
C SER D 67 -48.26 -13.08 8.83
N SER D 68 -47.27 -12.43 8.22
CA SER D 68 -46.08 -12.03 8.94
C SER D 68 -46.52 -11.37 10.23
N ASP D 69 -47.36 -10.33 10.08
CA ASP D 69 -47.95 -9.56 11.17
C ASP D 69 -48.42 -10.43 12.35
N LYS D 70 -49.38 -11.32 12.10
CA LYS D 70 -49.83 -12.23 13.13
C LYS D 70 -48.64 -12.92 13.79
N ALA D 71 -47.89 -13.71 13.02
CA ALA D 71 -46.71 -14.39 13.53
C ALA D 71 -45.95 -13.50 14.51
N HIS D 72 -45.72 -12.23 14.15
CA HIS D 72 -45.05 -11.32 15.06
C HIS D 72 -45.89 -11.13 16.31
N LYS D 73 -47.17 -10.80 16.16
CA LYS D 73 -48.00 -10.52 17.31
C LYS D 73 -47.93 -11.70 18.28
N VAL D 74 -48.06 -12.91 17.77
CA VAL D 74 -48.17 -14.07 18.65
C VAL D 74 -46.89 -14.25 19.48
N LEU D 75 -45.75 -13.78 18.97
CA LEU D 75 -44.51 -13.83 19.73
C LEU D 75 -44.41 -12.70 20.75
N LYS D 76 -45.00 -11.55 20.45
CA LYS D 76 -44.99 -10.45 21.39
C LYS D 76 -45.87 -10.80 22.59
N GLN D 77 -46.98 -11.53 22.35
CA GLN D 77 -47.94 -11.83 23.41
C GLN D 77 -47.65 -13.16 24.12
N ALA D 78 -46.39 -13.63 24.05
CA ALA D 78 -45.99 -14.83 24.76
C ALA D 78 -45.36 -14.43 26.10
N PHE D 79 -45.39 -15.38 27.05
CA PHE D 79 -45.05 -15.11 28.45
C PHE D 79 -43.55 -15.13 28.73
N GLY D 80 -42.70 -15.21 27.70
CA GLY D 80 -41.25 -15.14 27.88
C GLY D 80 -40.69 -16.36 28.60
N GLU D 81 -41.57 -17.29 28.99
CA GLU D 81 -41.21 -18.50 29.71
C GLU D 81 -40.64 -19.46 28.67
N LYS D 82 -40.96 -20.75 28.79
CA LYS D 82 -40.70 -21.69 27.70
C LYS D 82 -41.47 -21.20 26.47
N ILE D 83 -40.77 -20.55 25.53
CA ILE D 83 -41.29 -20.32 24.18
C ILE D 83 -40.75 -21.42 23.27
N THR D 84 -41.56 -22.46 23.11
CA THR D 84 -41.24 -23.64 22.36
C THR D 84 -41.63 -23.43 20.90
N MET D 85 -40.63 -23.37 20.02
CA MET D 85 -40.88 -23.39 18.59
C MET D 85 -40.53 -24.78 18.05
N THR D 86 -41.06 -25.09 16.86
CA THR D 86 -40.79 -26.33 16.14
C THR D 86 -40.33 -26.02 14.71
N ILE D 87 -39.03 -26.20 14.44
CA ILE D 87 -38.37 -25.68 13.24
C ILE D 87 -38.15 -26.76 12.17
N ARG D 88 -38.29 -26.37 10.90
CA ARG D 88 -37.79 -27.17 9.79
C ARG D 88 -36.57 -26.46 9.23
N ASP D 89 -35.54 -27.20 8.80
CA ASP D 89 -34.24 -26.60 8.53
C ASP D 89 -34.16 -26.09 7.09
N ARG D 90 -33.92 -24.79 6.97
CA ARG D 90 -33.66 -24.10 5.71
C ARG D 90 -34.20 -24.92 4.53
N PRO D 91 -35.54 -25.09 4.43
CA PRO D 91 -36.15 -25.91 3.38
C PRO D 91 -35.97 -25.38 1.96
N PHE D 92 -35.76 -24.07 1.84
CA PHE D 92 -35.65 -23.42 0.54
C PHE D 92 -34.22 -23.40 0.01
N GLU D 93 -33.26 -23.85 0.83
CA GLU D 93 -31.83 -23.80 0.52
C GLU D 93 -31.26 -25.20 0.33
N ARG D 94 -30.13 -25.26 -0.40
CA ARG D 94 -29.28 -26.45 -0.44
C ARG D 94 -27.84 -26.02 -0.22
N THR D 95 -26.97 -26.98 0.05
CA THR D 95 -25.57 -26.68 0.31
C THR D 95 -24.67 -27.48 -0.63
N ILE D 96 -23.82 -26.78 -1.40
CA ILE D 96 -22.96 -27.44 -2.35
C ILE D 96 -21.49 -27.32 -1.91
N THR D 97 -20.85 -28.49 -1.70
CA THR D 97 -19.44 -28.61 -1.34
C THR D 97 -18.53 -28.60 -2.58
N MET D 98 -17.41 -27.88 -2.48
CA MET D 98 -16.46 -27.66 -3.57
C MET D 98 -15.04 -27.73 -3.01
N HIS D 99 -14.05 -27.87 -3.89
CA HIS D 99 -12.66 -27.91 -3.49
C HIS D 99 -11.93 -26.92 -4.38
N LYS D 100 -11.31 -25.92 -3.76
CA LYS D 100 -10.60 -24.89 -4.49
C LYS D 100 -9.51 -25.53 -5.36
N ASP D 101 -9.17 -24.85 -6.46
CA ASP D 101 -8.19 -25.36 -7.41
C ASP D 101 -6.82 -24.93 -6.93
N SER D 102 -5.82 -25.03 -7.84
CA SER D 102 -4.44 -24.58 -7.67
C SER D 102 -4.35 -23.07 -7.44
N THR D 103 -5.30 -22.29 -8.00
CA THR D 103 -5.39 -20.84 -7.80
C THR D 103 -6.40 -20.47 -6.72
N GLY D 104 -6.70 -21.39 -5.78
CA GLY D 104 -7.57 -21.13 -4.63
C GLY D 104 -9.05 -20.84 -4.97
N HIS D 105 -9.46 -21.11 -6.23
CA HIS D 105 -10.78 -20.79 -6.77
C HIS D 105 -11.66 -22.04 -6.87
N VAL D 106 -12.98 -21.84 -6.89
CA VAL D 106 -13.91 -22.93 -7.14
C VAL D 106 -14.69 -22.72 -8.45
N GLY D 107 -14.68 -21.50 -8.97
CA GLY D 107 -15.08 -21.26 -10.34
C GLY D 107 -16.56 -20.85 -10.47
N PHE D 108 -16.87 -19.65 -9.98
CA PHE D 108 -18.13 -19.03 -10.31
C PHE D 108 -18.05 -17.52 -10.06
N ILE D 109 -18.89 -16.79 -10.78
CA ILE D 109 -18.98 -15.35 -10.75
C ILE D 109 -20.34 -14.97 -10.18
N PHE D 110 -20.35 -14.01 -9.25
CA PHE D 110 -21.55 -13.61 -8.54
C PHE D 110 -21.58 -12.11 -8.37
N LYS D 111 -22.76 -11.53 -8.57
CA LYS D 111 -22.99 -10.13 -8.32
C LYS D 111 -24.28 -10.00 -7.52
N ASN D 112 -24.24 -9.17 -6.48
CA ASN D 112 -25.37 -8.96 -5.58
C ASN D 112 -25.70 -10.28 -4.92
N GLY D 113 -24.67 -11.05 -4.61
CA GLY D 113 -24.84 -12.31 -3.91
C GLY D 113 -25.43 -13.41 -4.77
N LYS D 114 -26.00 -13.02 -5.92
CA LYS D 114 -26.62 -13.94 -6.86
C LYS D 114 -25.60 -14.50 -7.85
N ILE D 115 -25.53 -15.83 -7.96
CA ILE D 115 -24.55 -16.45 -8.83
C ILE D 115 -24.94 -16.21 -10.31
N THR D 116 -23.97 -15.75 -11.11
CA THR D 116 -24.21 -15.20 -12.44
C THR D 116 -23.65 -16.09 -13.53
N SER D 117 -22.40 -16.58 -13.43
CA SER D 117 -21.84 -17.46 -14.44
C SER D 117 -21.03 -18.56 -13.79
N ILE D 118 -20.85 -19.69 -14.49
CA ILE D 118 -20.16 -20.84 -13.91
C ILE D 118 -18.97 -21.19 -14.79
N VAL D 119 -17.78 -21.25 -14.17
CA VAL D 119 -16.54 -21.53 -14.89
C VAL D 119 -16.61 -22.96 -15.39
N LYS D 120 -16.28 -23.16 -16.68
CA LYS D 120 -16.19 -24.48 -17.28
C LYS D 120 -15.01 -25.25 -16.70
N ASP D 121 -15.24 -26.54 -16.42
CA ASP D 121 -14.22 -27.43 -15.88
C ASP D 121 -13.65 -26.88 -14.58
N SER D 122 -14.53 -26.35 -13.73
CA SER D 122 -14.20 -25.94 -12.36
C SER D 122 -15.04 -26.73 -11.38
N SER D 123 -14.75 -26.62 -10.07
CA SER D 123 -15.42 -27.45 -9.07
C SER D 123 -16.90 -27.09 -8.91
N ALA D 124 -17.25 -25.86 -9.28
CA ALA D 124 -18.64 -25.44 -9.30
C ALA D 124 -19.41 -26.21 -10.37
N ALA D 125 -18.82 -26.25 -11.56
CA ALA D 125 -19.36 -27.01 -12.67
C ALA D 125 -19.51 -28.49 -12.30
N ARG D 126 -18.42 -29.08 -11.83
CA ARG D 126 -18.36 -30.48 -11.45
C ARG D 126 -19.46 -30.84 -10.46
N ASN D 127 -19.87 -29.90 -9.59
CA ASN D 127 -20.88 -30.18 -8.57
C ASN D 127 -22.19 -29.46 -8.90
N GLY D 128 -22.26 -28.87 -10.10
CA GLY D 128 -23.52 -28.33 -10.62
C GLY D 128 -24.13 -27.26 -9.73
N LEU D 129 -23.27 -26.33 -9.29
CA LEU D 129 -23.74 -25.08 -8.75
C LEU D 129 -24.53 -24.39 -9.85
N LEU D 130 -25.66 -23.79 -9.46
CA LEU D 130 -26.57 -23.18 -10.42
C LEU D 130 -26.50 -21.66 -10.36
N THR D 131 -26.86 -21.03 -11.47
CA THR D 131 -27.02 -19.59 -11.50
C THR D 131 -28.44 -19.25 -11.06
N GLU D 132 -28.72 -17.93 -10.99
CA GLU D 132 -30.00 -17.45 -10.53
C GLU D 132 -30.32 -18.14 -9.22
N HIS D 133 -29.29 -18.13 -8.36
CA HIS D 133 -29.34 -18.59 -6.99
C HIS D 133 -28.55 -17.62 -6.11
N ASN D 134 -29.13 -17.22 -4.98
CA ASN D 134 -28.47 -16.31 -4.04
C ASN D 134 -27.69 -17.16 -3.05
N ILE D 135 -26.56 -16.59 -2.59
CA ILE D 135 -25.71 -17.15 -1.56
C ILE D 135 -26.27 -16.76 -0.20
N CYS D 136 -26.52 -17.78 0.61
CA CYS D 136 -27.12 -17.57 1.91
C CYS D 136 -26.07 -17.79 2.99
N GLU D 137 -25.24 -18.81 2.81
CA GLU D 137 -24.25 -19.10 3.82
C GLU D 137 -22.97 -19.49 3.13
N ILE D 138 -21.93 -19.65 3.97
CA ILE D 138 -20.65 -20.22 3.60
C ILE D 138 -20.11 -20.98 4.80
N ASN D 139 -20.08 -22.29 4.69
CA ASN D 139 -19.63 -23.14 5.78
C ASN D 139 -20.40 -22.85 7.07
N GLY D 140 -21.73 -22.64 6.96
CA GLY D 140 -22.59 -22.33 8.11
C GLY D 140 -22.77 -20.83 8.37
N GLN D 141 -21.78 -20.02 7.94
CA GLN D 141 -21.72 -18.60 8.22
C GLN D 141 -22.66 -17.83 7.30
N ASN D 142 -23.78 -17.35 7.87
CA ASN D 142 -24.70 -16.45 7.19
C ASN D 142 -23.93 -15.25 6.66
N VAL D 143 -24.21 -14.88 5.40
CA VAL D 143 -23.55 -13.79 4.69
C VAL D 143 -24.59 -12.87 4.07
N ILE D 144 -25.84 -13.03 4.49
CA ILE D 144 -26.92 -12.29 3.88
C ILE D 144 -26.79 -10.83 4.31
N GLY D 145 -26.77 -9.94 3.31
CA GLY D 145 -26.66 -8.53 3.58
C GLY D 145 -25.24 -8.00 3.40
N LEU D 146 -24.22 -8.85 3.56
CA LEU D 146 -22.82 -8.40 3.49
C LEU D 146 -22.52 -7.88 2.08
N LYS D 147 -21.40 -7.20 1.90
CA LYS D 147 -21.08 -6.64 0.59
C LYS D 147 -20.39 -7.75 -0.18
N ASP D 148 -20.38 -7.66 -1.51
CA ASP D 148 -19.77 -8.73 -2.29
C ASP D 148 -18.33 -8.88 -1.82
N SER D 149 -17.61 -7.75 -1.75
CA SER D 149 -16.22 -7.74 -1.34
C SER D 149 -16.00 -8.56 -0.07
N GLN D 150 -16.92 -8.48 0.90
CA GLN D 150 -16.79 -9.26 2.12
C GLN D 150 -16.86 -10.72 1.72
N ILE D 151 -17.87 -11.05 0.92
CA ILE D 151 -18.10 -12.42 0.51
C ILE D 151 -16.82 -13.00 -0.11
N ALA D 152 -16.23 -12.28 -1.09
CA ALA D 152 -15.00 -12.72 -1.74
C ALA D 152 -13.94 -13.10 -0.69
N ASP D 153 -13.63 -12.15 0.20
CA ASP D 153 -12.52 -12.29 1.12
C ASP D 153 -12.98 -13.16 2.29
N ILE D 154 -14.25 -13.55 2.34
CA ILE D 154 -14.70 -14.62 3.24
C ILE D 154 -14.46 -15.98 2.60
N LEU D 155 -14.45 -16.06 1.26
CA LEU D 155 -14.20 -17.32 0.58
C LEU D 155 -12.73 -17.70 0.75
N SER D 156 -11.85 -16.72 0.51
CA SER D 156 -10.43 -16.88 0.74
C SER D 156 -10.16 -17.47 2.13
N THR D 157 -10.72 -16.89 3.19
CA THR D 157 -10.49 -17.39 4.54
C THR D 157 -10.92 -18.85 4.69
N SER D 158 -11.55 -19.42 3.67
CA SER D 158 -11.88 -20.82 3.71
C SER D 158 -10.73 -21.60 3.07
N GLY D 159 -10.35 -22.72 3.71
CA GLY D 159 -9.39 -23.65 3.15
C GLY D 159 -9.86 -24.13 1.79
N THR D 160 -9.18 -25.15 1.26
CA THR D 160 -9.49 -25.65 -0.07
C THR D 160 -10.96 -26.06 -0.12
N VAL D 161 -11.44 -26.72 0.93
CA VAL D 161 -12.82 -27.17 1.03
C VAL D 161 -13.69 -25.94 1.28
N VAL D 162 -14.74 -25.74 0.45
CA VAL D 162 -15.65 -24.60 0.56
C VAL D 162 -17.08 -25.04 0.34
N THR D 163 -17.88 -25.06 1.41
CA THR D 163 -19.29 -25.31 1.27
C THR D 163 -20.06 -24.00 1.18
N ILE D 164 -21.03 -23.92 0.28
CA ILE D 164 -21.90 -22.75 0.32
C ILE D 164 -23.34 -23.20 0.38
N THR D 165 -24.18 -22.31 0.91
CA THR D 165 -25.61 -22.55 1.02
C THR D 165 -26.34 -21.55 0.12
N ILE D 166 -27.09 -22.08 -0.82
CA ILE D 166 -27.72 -21.27 -1.85
C ILE D 166 -29.23 -21.44 -1.79
N MET D 167 -29.90 -20.43 -2.38
CA MET D 167 -31.35 -20.38 -2.50
C MET D 167 -31.70 -19.89 -3.91
N PRO D 168 -32.72 -20.45 -4.58
CA PRO D 168 -33.34 -19.80 -5.75
C PRO D 168 -33.72 -18.32 -5.67
N ALA D 169 -33.21 -17.55 -6.64
CA ALA D 169 -33.30 -16.10 -6.66
C ALA D 169 -34.71 -15.58 -6.39
N PHE D 170 -35.72 -16.12 -7.07
N PHE D 170 -35.71 -16.17 -7.05
CA PHE D 170 -37.08 -15.59 -6.97
CA PHE D 170 -37.07 -15.65 -7.01
C PHE D 170 -37.61 -15.75 -5.54
C PHE D 170 -37.65 -15.80 -5.59
N ILE D 171 -37.21 -16.83 -4.87
CA ILE D 171 -37.60 -17.08 -3.49
C ILE D 171 -36.86 -16.09 -2.60
N PHE D 172 -35.52 -16.07 -2.66
CA PHE D 172 -34.73 -15.16 -1.84
C PHE D 172 -35.36 -13.76 -1.85
N GLU D 173 -35.62 -13.25 -3.06
CA GLU D 173 -36.24 -11.96 -3.25
C GLU D 173 -37.52 -11.88 -2.42
N HIS D 174 -38.25 -12.98 -2.35
CA HIS D 174 -39.52 -12.96 -1.64
C HIS D 174 -39.31 -13.10 -0.13
N ILE D 175 -38.15 -13.62 0.32
CA ILE D 175 -37.94 -13.78 1.75
C ILE D 175 -37.48 -12.45 2.30
N ILE D 176 -36.70 -11.71 1.51
CA ILE D 176 -36.12 -10.49 2.01
C ILE D 176 -37.11 -9.31 1.90
N LYS D 177 -38.33 -9.55 1.40
CA LYS D 177 -39.31 -8.49 1.21
C LYS D 177 -39.87 -8.05 2.55
N ARG D 178 -40.28 -6.77 2.62
CA ARG D 178 -40.84 -6.13 3.82
C ARG D 178 -39.74 -5.94 4.87
N MET D 179 -38.48 -5.84 4.44
CA MET D 179 -37.37 -5.69 5.36
C MET D 179 -36.48 -4.57 4.81
N ALA D 180 -36.20 -3.59 5.68
CA ALA D 180 -35.38 -2.45 5.29
C ALA D 180 -33.93 -2.93 5.24
N PRO D 181 -33.19 -2.69 4.13
CA PRO D 181 -31.78 -3.07 4.06
C PRO D 181 -31.03 -2.76 5.36
N SER D 182 -31.23 -1.54 5.85
CA SER D 182 -30.58 -1.03 7.03
C SER D 182 -30.61 -2.05 8.16
N ILE D 183 -31.70 -2.81 8.29
CA ILE D 183 -31.78 -3.83 9.33
C ILE D 183 -30.96 -5.05 8.93
N MET D 184 -31.21 -5.51 7.70
CA MET D 184 -30.62 -6.74 7.19
C MET D 184 -29.10 -6.62 7.30
N LYS D 185 -28.56 -5.50 6.76
CA LYS D 185 -27.13 -5.19 6.74
C LYS D 185 -26.52 -4.97 8.13
N SER D 186 -27.32 -4.57 9.15
CA SER D 186 -26.74 -4.29 10.46
C SER D 186 -27.04 -5.39 11.48
N LEU D 187 -28.26 -5.95 11.53
CA LEU D 187 -28.66 -6.82 12.64
C LEU D 187 -28.34 -8.30 12.44
N MET D 188 -28.09 -8.73 11.19
CA MET D 188 -28.21 -10.13 10.77
C MET D 188 -27.02 -10.95 11.27
N ASP D 189 -27.29 -12.08 11.96
CA ASP D 189 -26.30 -12.93 12.60
C ASP D 189 -25.27 -13.44 11.60
N HIS D 190 -23.97 -13.22 11.86
CA HIS D 190 -22.92 -13.61 10.93
C HIS D 190 -21.85 -14.42 11.65
N THR D 191 -22.22 -15.06 12.75
CA THR D 191 -21.24 -15.62 13.66
C THR D 191 -20.80 -16.99 13.15
N ILE D 192 -19.91 -17.65 13.89
CA ILE D 192 -19.43 -18.99 13.59
C ILE D 192 -19.19 -19.72 14.91
N PRO D 193 -19.04 -21.06 14.90
CA PRO D 193 -18.92 -21.83 16.13
C PRO D 193 -17.56 -21.69 16.83
N GLU D 194 -16.54 -21.24 16.08
CA GLU D 194 -15.17 -21.07 16.55
C GLU D 194 -14.29 -20.78 15.35
N VAL D 195 -13.09 -20.24 15.60
CA VAL D 195 -12.13 -20.03 14.53
C VAL D 195 -11.13 -21.20 14.54
C10 YG5 E . 8.67 10.23 17.27
C13 YG5 E . 6.72 8.21 17.56
C15 YG5 E . 8.00 9.75 16.15
C01 YG5 E . 8.45 7.16 11.39
N02 YG5 E . 7.95 8.38 12.00
C03 YG5 E . 6.75 9.00 11.44
C04 YG5 E . 8.63 8.94 13.14
O05 YG5 E . 9.60 8.42 13.58
C06 YG5 E . 8.04 10.22 13.73
N07 YG5 E . 8.49 10.42 15.09
N08 YG5 E . 9.44 11.30 15.46
C09 YG5 E . 9.59 11.24 16.77
C11 YG5 E . 8.35 9.70 18.55
C12 YG5 E . 7.39 8.70 18.69
C14 YG5 E . 7.02 8.73 16.30
C1 EDO F . 5.43 0.74 -10.35
O1 EDO F . 5.18 -0.53 -9.77
C2 EDO F . 5.80 1.77 -9.37
O2 EDO F . 7.20 1.94 -9.31
C1 EDO G . 2.03 40.72 21.36
O1 EDO G . 2.16 39.33 21.34
C2 EDO G . 3.35 41.33 21.39
O2 EDO G . 4.06 40.97 20.22
C1 EDO H . -2.59 18.03 23.12
O1 EDO H . -3.97 18.00 23.43
C2 EDO H . -1.71 18.51 24.23
O2 EDO H . -1.73 19.94 24.37
N DGL I . 6.12 39.20 9.21
CA DGL I . 5.35 38.20 9.99
C DGL I . 6.30 37.11 10.52
O DGL I . 7.49 37.45 10.78
CB DGL I . 4.51 38.95 11.04
CG DGL I . 5.29 39.74 12.09
CD DGL I . 4.93 39.41 13.54
OE1 DGL I . 5.87 39.25 14.35
OE2 DGL I . 3.72 39.34 13.86
OXT DGL I . 5.85 35.94 10.61
C1 EDO J . 12.58 -20.05 -23.81
O1 EDO J . 13.11 -19.42 -22.63
C2 EDO J . 11.09 -20.21 -23.83
O2 EDO J . 10.57 -20.77 -22.62
C1 EDO K . 7.17 2.35 -20.09
O1 EDO K . 7.25 0.94 -20.12
C2 EDO K . 8.48 2.96 -19.71
O2 EDO K . 8.89 4.01 -20.56
C1 EDO L . 13.60 -3.04 -14.14
O1 EDO L . 14.12 -4.26 -13.61
C2 EDO L . 14.23 -2.59 -15.41
O2 EDO L . 15.17 -1.55 -15.24
N GLY M . 5.33 4.93 -31.89
CA GLY M . 4.55 3.68 -31.75
C GLY M . 5.25 2.46 -32.37
O GLY M . 5.59 2.55 -33.59
OXT GLY M . 5.42 1.45 -31.62
C1 EDO N . -24.94 -18.46 12.03
O1 EDO N . -25.24 -19.52 11.14
C2 EDO N . -24.93 -17.15 11.35
O2 EDO N . -24.02 -17.08 10.28
C1 EDO O . -43.52 -17.36 -4.54
O1 EDO O . -44.38 -17.14 -3.43
C2 EDO O . -42.39 -18.26 -4.23
O2 EDO O . -41.28 -17.59 -3.69
S SO4 P . -13.59 -31.21 -6.76
O1 SO4 P . -13.85 -32.17 -7.80
O2 SO4 P . -13.38 -29.92 -7.35
O3 SO4 P . -14.73 -31.18 -5.86
O4 SO4 P . -12.39 -31.58 -6.04
S SO4 Q . -22.80 -5.45 -3.25
O1 SO4 Q . -22.70 -5.79 -4.64
O2 SO4 Q . -21.53 -5.68 -2.61
O3 SO4 Q . -23.81 -6.27 -2.63
O4 SO4 Q . -23.16 -4.08 -3.12
N ALA R . -14.24 -16.17 -8.68
CA ALA R . -14.29 -16.63 -7.26
C ALA R . -14.09 -18.15 -7.18
O ALA R . -13.79 -18.75 -8.24
CB ALA R . -15.59 -16.18 -6.62
OXT ALA R . -14.21 -18.69 -6.05
N DGL S . -49.95 -10.65 2.88
CA DGL S . -48.51 -10.26 2.93
C DGL S . -47.82 -11.00 4.09
O DGL S . -46.56 -11.04 4.09
CB DGL S . -47.89 -10.47 1.54
CG DGL S . -48.17 -11.84 0.92
CD DGL S . -46.96 -12.50 0.25
OE1 DGL S . -46.54 -12.02 -0.84
OE2 DGL S . -46.47 -13.51 0.80
OXT DGL S . -48.55 -11.48 5.00
N GLY T . -52.37 -16.40 4.34
CA GLY T . -52.00 -15.07 4.87
C GLY T . -51.06 -14.34 3.92
O GLY T . -51.56 -13.78 2.92
OXT GLY T . -49.85 -14.37 4.20
#